data_8WNG
#
_entry.id   8WNG
#
_cell.length_a   52.953
_cell.length_b   53.066
_cell.length_c   103.084
_cell.angle_alpha   92.69
_cell.angle_beta   97.29
_cell.angle_gamma   104.37
#
_symmetry.space_group_name_H-M   'P 1'
#
loop_
_entity.id
_entity.type
_entity.pdbx_description
1 polymer 'Isoleucine--tRNA ligase'
2 non-polymer ISOLEUCINE
3 non-polymer 'ZINC ION'
4 non-polymer GLYCEROL
5 non-polymer 'ACETATE ION'
6 water water
#
_entity_poly.entity_id   1
_entity_poly.type   'polypeptide(L)'
_entity_poly.pdbx_seq_one_letter_code
;MEEYKDTLNLNTTTFSMKGNLSVNEPKTYAKWQEQQAFKRMQARKDNHGDFTLHDGPPYANGHLHLGHALNKILKDIVVK
REYFKGKKIYYTPGWDCHGLPIEQQILERLEKEKTSLENPTLFREKCRDHAKKFLEIQKNEFLQLGVLGDFEDPYKTMDF
KFEASIYRALVEVAKKGLLKERHKPIYWSYACESALAEAEVEYKMKKSPSIFVAFGLKKESLEKLKVKKASLVIWTTTPW
TLYANVAIALKKDAVYALTQKGYLVAKALHEKLAALGVVDNEITHEFNSNDLEYLVATNPLNQRDSLVALGEHVGLEDGT
GAVHTAPGHGEEDYYLGLRYNLEVLMSVDEKGCYDEGIIHNQLLDESYLGEHVFKAQKRIIEQLGDSLLLEQEIEHSYPH
CWRTHKPVIYRATTQWFILMDEPFIQNDGSQKTLREVALDAIEKVEFVPSSGKNRLKTMIENRPDWCLSRQRKWGVPLAF
FIDKRTNKPCFESEVLEHVANLFEKKGCDVWWEYSVKDLLPPSYQEDAKHYEKIMHILDVWFDSGSTFKAVLEDYHGEKG
QSPSDVILEGSDQHRGWFQSSLLIGCVLNNQAPFKKVITHGFIVDEKGEKMSKSKGNVVSLDKLLKTHGSDVVRLWVAFN
DYQNDLRVSQTFFTQTEQHYKKFRNTLKFLLANFSDMDLKNLERPHNFSPLDHFMLETLETISAGVNSAFEEHDFVKGLN
ILMAFVTNELSGIYLDACKDSLYCDSKNNEKRQAIQMVLLATASKLCYFLAPILTHTIEEVLEHSQALRIFLQAKDVFDL
KDISVSEKLHLKEFKKPENFEAVLALRSAFNEELDRLKKEGVIKNSLECAIEVKEKALDENLVEELLMVSFVGIAKEKLS
ETPAFTLFKAPFYKCPRCWRFKSELENTPCKRCEQVLKER
;
_entity_poly.pdbx_strand_id   A
#
# COMPACT_ATOMS: atom_id res chain seq x y z
N TYR A 4 -6.40 5.33 -58.48
CA TYR A 4 -5.96 3.98 -58.15
C TYR A 4 -6.18 3.62 -56.68
N LYS A 5 -6.66 4.58 -55.90
CA LYS A 5 -6.81 4.34 -54.47
C LYS A 5 -7.69 3.12 -54.18
N ASP A 6 -8.78 2.95 -54.92
CA ASP A 6 -9.66 1.83 -54.65
C ASP A 6 -9.11 0.49 -55.13
N THR A 7 -7.95 0.48 -55.79
CA THR A 7 -7.30 -0.77 -56.18
C THR A 7 -6.33 -1.29 -55.14
N LEU A 8 -6.04 -0.51 -54.10
CA LEU A 8 -5.19 -0.99 -53.03
C LEU A 8 -5.94 -1.99 -52.16
N ASN A 9 -5.16 -2.74 -51.36
CA ASN A 9 -5.74 -3.55 -50.30
C ASN A 9 -6.38 -2.64 -49.25
N LEU A 10 -7.63 -2.95 -48.88
CA LEU A 10 -8.36 -2.10 -47.95
C LEU A 10 -7.68 -2.05 -46.58
N ASN A 11 -7.32 -3.22 -46.05
CA ASN A 11 -6.60 -3.34 -44.78
C ASN A 11 -7.26 -2.50 -43.68
N THR A 12 -8.50 -2.84 -43.36
CA THR A 12 -9.17 -2.24 -42.23
C THR A 12 -9.66 -3.31 -41.25
N THR A 13 -9.90 -2.85 -40.01
CA THR A 13 -10.47 -3.65 -38.94
C THR A 13 -11.66 -2.90 -38.35
N THR A 14 -12.56 -3.66 -37.74
CA THR A 14 -13.66 -3.11 -36.97
C THR A 14 -13.20 -2.57 -35.61
N PHE A 15 -12.02 -2.97 -35.15
CA PHE A 15 -11.47 -2.45 -33.91
C PHE A 15 -11.25 -0.95 -34.05
N SER A 16 -11.95 -0.17 -33.23
CA SER A 16 -12.01 1.28 -33.43
C SER A 16 -10.78 1.97 -32.84
N MET A 17 -10.42 3.11 -33.46
CA MET A 17 -9.34 3.90 -32.90
C MET A 17 -9.73 4.50 -31.55
N LYS A 18 -10.97 4.99 -31.43
CA LYS A 18 -11.44 5.56 -30.18
C LYS A 18 -11.89 4.47 -29.22
N GLY A 19 -11.48 4.59 -27.95
CA GLY A 19 -11.82 3.56 -26.98
C GLY A 19 -13.22 3.66 -26.41
N ASN A 20 -13.82 4.86 -26.44
CA ASN A 20 -15.14 5.10 -25.82
C ASN A 20 -15.25 4.34 -24.50
N LEU A 21 -14.22 4.51 -23.67
CA LEU A 21 -14.01 3.61 -22.52
C LEU A 21 -15.14 3.71 -21.51
N SER A 22 -15.64 4.91 -21.25
CA SER A 22 -16.65 5.06 -20.21
C SER A 22 -17.97 4.43 -20.61
N VAL A 23 -18.16 4.15 -21.91
CA VAL A 23 -19.33 3.46 -22.42
C VAL A 23 -19.10 1.94 -22.49
N ASN A 24 -17.94 1.51 -23.02
CA ASN A 24 -17.71 0.09 -23.29
C ASN A 24 -17.17 -0.69 -22.08
N GLU A 25 -16.33 -0.07 -21.26
CA GLU A 25 -15.79 -0.78 -20.10
C GLU A 25 -16.88 -1.34 -19.18
N PRO A 26 -17.95 -0.60 -18.84
CA PRO A 26 -18.98 -1.20 -17.97
C PRO A 26 -19.61 -2.45 -18.59
N LYS A 27 -19.69 -2.51 -19.91
CA LYS A 27 -20.24 -3.68 -20.58
C LYS A 27 -19.32 -4.87 -20.41
N THR A 28 -18.00 -4.64 -20.55
CA THR A 28 -17.05 -5.73 -20.34
C THR A 28 -17.14 -6.27 -18.93
N TYR A 29 -17.10 -5.36 -17.94
CA TYR A 29 -17.05 -5.78 -16.55
C TYR A 29 -18.37 -6.44 -16.12
N ALA A 30 -19.50 -5.90 -16.60
CA ALA A 30 -20.78 -6.57 -16.37
C ALA A 30 -20.77 -7.99 -16.93
N LYS A 31 -20.15 -8.18 -18.08
CA LYS A 31 -20.06 -9.52 -18.67
C LYS A 31 -19.23 -10.46 -17.81
N TRP A 32 -18.05 -10.00 -17.34
CA TRP A 32 -17.23 -10.85 -16.49
C TRP A 32 -17.95 -11.22 -15.20
N GLN A 33 -18.84 -10.36 -14.70
CA GLN A 33 -19.58 -10.71 -13.50
C GLN A 33 -20.69 -11.69 -13.82
N GLU A 34 -21.45 -11.41 -14.89
CA GLU A 34 -22.52 -12.29 -15.32
C GLU A 34 -21.99 -13.69 -15.63
N GLN A 35 -20.82 -13.78 -16.25
CA GLN A 35 -20.27 -15.04 -16.71
C GLN A 35 -19.33 -15.71 -15.70
N GLN A 36 -19.10 -15.07 -14.55
CA GLN A 36 -18.27 -15.61 -13.47
C GLN A 36 -16.86 -15.94 -13.96
N ALA A 37 -16.21 -14.91 -14.50
CA ALA A 37 -14.90 -15.10 -15.12
C ALA A 37 -13.85 -15.53 -14.10
N PHE A 38 -13.91 -14.99 -12.89
CA PHE A 38 -12.94 -15.43 -11.88
C PHE A 38 -13.11 -16.92 -11.57
N LYS A 39 -14.35 -17.37 -11.42
CA LYS A 39 -14.58 -18.80 -11.24
C LYS A 39 -14.06 -19.61 -12.42
N ARG A 40 -14.25 -19.09 -13.64
CA ARG A 40 -13.74 -19.79 -14.82
C ARG A 40 -12.21 -19.85 -14.78
N MET A 41 -11.56 -18.78 -14.32
CA MET A 41 -10.11 -18.76 -14.19
C MET A 41 -9.62 -19.84 -13.23
N GLN A 42 -10.27 -19.95 -12.06
CA GLN A 42 -9.88 -20.93 -11.05
C GLN A 42 -10.12 -22.37 -11.51
N ALA A 43 -11.14 -22.57 -12.36
CA ALA A 43 -11.46 -23.90 -12.88
C ALA A 43 -10.65 -24.30 -14.10
N ARG A 44 -9.83 -23.42 -14.67
CA ARG A 44 -9.09 -23.76 -15.90
C ARG A 44 -8.39 -25.10 -15.78
N LYS A 45 -8.61 -25.97 -16.78
CA LYS A 45 -8.28 -27.39 -16.63
C LYS A 45 -6.77 -27.63 -16.58
N ASP A 46 -6.00 -26.80 -17.29
CA ASP A 46 -4.56 -26.99 -17.36
C ASP A 46 -3.80 -26.16 -16.34
N ASN A 47 -4.44 -25.75 -15.24
CA ASN A 47 -3.74 -25.01 -14.20
C ASN A 47 -2.52 -25.79 -13.74
N HIS A 48 -1.40 -25.09 -13.63
CA HIS A 48 -0.15 -25.73 -13.23
C HIS A 48 0.50 -24.81 -12.21
N GLY A 49 0.61 -25.28 -10.97
CA GLY A 49 1.09 -24.45 -9.89
C GLY A 49 -0.04 -23.65 -9.25
N ASP A 50 0.23 -23.16 -8.03
CA ASP A 50 -0.73 -22.37 -7.27
C ASP A 50 -0.13 -21.01 -6.90
N PHE A 51 -1.00 -20.01 -6.82
CA PHE A 51 -0.60 -18.67 -6.39
C PHE A 51 -1.68 -18.06 -5.50
N THR A 52 -1.29 -17.71 -4.27
CA THR A 52 -2.18 -17.11 -3.28
C THR A 52 -1.76 -15.67 -3.03
N LEU A 53 -2.65 -14.74 -3.33
CA LEU A 53 -2.54 -13.38 -2.81
C LEU A 53 -3.61 -13.25 -1.75
N HIS A 54 -3.20 -12.87 -0.53
CA HIS A 54 -4.17 -12.72 0.56
C HIS A 54 -4.51 -11.24 0.70
N ASP A 55 -5.76 -10.93 0.40
CA ASP A 55 -6.25 -9.55 0.50
C ASP A 55 -6.18 -9.05 1.93
N GLY A 56 -5.62 -7.85 2.09
CA GLY A 56 -5.79 -7.06 3.30
C GLY A 56 -7.09 -6.29 3.21
N PRO A 57 -7.92 -6.37 4.25
CA PRO A 57 -9.34 -5.98 4.13
C PRO A 57 -9.55 -4.49 4.42
N PRO A 58 -10.10 -3.76 3.46
CA PRO A 58 -10.49 -2.37 3.74
C PRO A 58 -11.60 -2.35 4.80
N TYR A 59 -11.65 -1.24 5.56
CA TYR A 59 -12.77 -1.04 6.48
C TYR A 59 -14.06 -0.80 5.70
N ALA A 60 -15.14 -1.42 6.18
CA ALA A 60 -16.45 -1.37 5.53
C ALA A 60 -17.20 -0.12 5.98
N ASN A 61 -16.60 1.01 5.60
CA ASN A 61 -17.11 2.32 5.93
C ASN A 61 -16.78 3.20 4.71
N GLY A 62 -17.77 3.92 4.24
CA GLY A 62 -17.53 4.86 3.17
C GLY A 62 -17.29 4.28 1.79
N HIS A 63 -17.26 5.17 0.81
CA HIS A 63 -16.93 4.80 -0.56
C HIS A 63 -15.43 4.64 -0.72
N LEU A 64 -15.03 3.98 -1.80
CA LEU A 64 -13.62 3.82 -2.09
C LEU A 64 -12.93 5.17 -2.26
N HIS A 65 -11.72 5.27 -1.71
CA HIS A 65 -10.79 6.36 -1.98
C HIS A 65 -9.85 5.96 -3.11
N LEU A 66 -9.15 6.94 -3.66
CA LEU A 66 -8.18 6.66 -4.72
C LEU A 66 -7.15 5.62 -4.29
N GLY A 67 -6.73 5.64 -3.02
CA GLY A 67 -5.79 4.64 -2.52
C GLY A 67 -6.32 3.22 -2.62
N HIS A 68 -7.63 3.02 -2.41
CA HIS A 68 -8.21 1.69 -2.59
C HIS A 68 -8.09 1.23 -4.03
N ALA A 69 -8.31 2.14 -4.98
CA ALA A 69 -8.22 1.77 -6.38
C ALA A 69 -6.79 1.43 -6.76
N LEU A 70 -5.84 2.28 -6.34
CA LEU A 70 -4.42 1.96 -6.52
C LEU A 70 -4.13 0.55 -6.03
N ASN A 71 -4.59 0.24 -4.82
CA ASN A 71 -4.28 -1.04 -4.20
C ASN A 71 -4.86 -2.21 -4.99
N LYS A 72 -6.16 -2.14 -5.30
CA LYS A 72 -6.80 -3.27 -5.94
C LYS A 72 -6.30 -3.46 -7.38
N ILE A 73 -6.00 -2.36 -8.07
CA ILE A 73 -5.43 -2.43 -9.42
C ILE A 73 -4.07 -3.14 -9.39
N LEU A 74 -3.19 -2.75 -8.44
CA LEU A 74 -1.90 -3.42 -8.33
C LEU A 74 -2.04 -4.92 -8.00
N LYS A 75 -2.96 -5.25 -7.08
CA LYS A 75 -3.23 -6.66 -6.80
C LYS A 75 -3.69 -7.38 -8.06
N ASP A 76 -4.52 -6.71 -8.85
CA ASP A 76 -5.11 -7.30 -10.05
C ASP A 76 -4.03 -7.57 -11.10
N ILE A 77 -3.11 -6.61 -11.30
CA ILE A 77 -2.02 -6.86 -12.24
C ILE A 77 -1.21 -8.07 -11.79
N VAL A 78 -0.89 -8.14 -10.50
CA VAL A 78 -0.07 -9.22 -9.97
C VAL A 78 -0.79 -10.56 -10.14
N VAL A 79 -2.08 -10.59 -9.81
CA VAL A 79 -2.85 -11.82 -9.92
C VAL A 79 -3.00 -12.24 -11.38
N LYS A 80 -3.34 -11.28 -12.26
CA LYS A 80 -3.54 -11.63 -13.67
C LYS A 80 -2.24 -12.13 -14.29
N ARG A 81 -1.10 -11.53 -13.90
CA ARG A 81 0.19 -12.03 -14.37
C ARG A 81 0.36 -13.50 -14.04
N GLU A 82 0.02 -13.89 -12.79
CA GLU A 82 0.21 -15.28 -12.39
C GLU A 82 -0.76 -16.21 -13.12
N TYR A 83 -2.02 -15.77 -13.28
CA TYR A 83 -2.98 -16.55 -14.05
C TYR A 83 -2.49 -16.80 -15.47
N PHE A 84 -1.99 -15.75 -16.14
CA PHE A 84 -1.57 -15.94 -17.52
C PHE A 84 -0.27 -16.71 -17.64
N LYS A 85 0.52 -16.78 -16.56
CA LYS A 85 1.64 -17.71 -16.50
C LYS A 85 1.19 -19.17 -16.36
N GLY A 86 -0.06 -19.42 -16.01
CA GLY A 86 -0.62 -20.76 -16.04
C GLY A 86 -1.00 -21.35 -14.69
N LYS A 87 -1.06 -20.54 -13.64
CA LYS A 87 -1.27 -21.06 -12.30
C LYS A 87 -2.74 -21.01 -11.90
N LYS A 88 -3.10 -21.89 -10.97
CA LYS A 88 -4.35 -21.70 -10.24
C LYS A 88 -4.19 -20.54 -9.26
N ILE A 89 -5.12 -19.60 -9.33
CA ILE A 89 -5.10 -18.37 -8.51
C ILE A 89 -6.04 -18.50 -7.34
N TYR A 90 -5.59 -18.01 -6.17
CA TYR A 90 -6.43 -17.83 -5.00
C TYR A 90 -6.37 -16.35 -4.60
N TYR A 91 -7.55 -15.72 -4.56
CA TYR A 91 -7.65 -14.28 -4.28
C TYR A 91 -9.07 -14.03 -3.79
N THR A 92 -9.28 -14.19 -2.47
CA THR A 92 -10.55 -13.87 -1.86
C THR A 92 -10.46 -12.50 -1.20
N PRO A 93 -11.05 -11.47 -1.79
CA PRO A 93 -11.06 -10.17 -1.14
C PRO A 93 -11.93 -10.21 0.11
N GLY A 94 -11.65 -9.28 1.01
CA GLY A 94 -12.34 -9.27 2.28
C GLY A 94 -12.57 -7.87 2.81
N TRP A 95 -13.34 -7.80 3.90
CA TRP A 95 -13.68 -6.53 4.52
C TRP A 95 -13.54 -6.60 6.03
N ASP A 96 -12.96 -5.51 6.55
CA ASP A 96 -12.69 -5.24 7.96
C ASP A 96 -13.93 -4.51 8.51
N CYS A 97 -14.80 -5.24 9.22
CA CYS A 97 -16.14 -4.75 9.51
C CYS A 97 -16.37 -4.25 10.92
N HIS A 98 -15.49 -4.59 11.87
CA HIS A 98 -15.65 -4.10 13.24
C HIS A 98 -14.84 -2.83 13.45
N GLY A 99 -14.95 -2.30 14.66
CA GLY A 99 -14.01 -1.30 15.12
C GLY A 99 -14.55 0.13 15.01
N LEU A 100 -13.77 1.03 15.61
CA LEU A 100 -14.08 2.45 15.55
C LEU A 100 -14.23 3.00 14.13
N PRO A 101 -13.53 2.51 13.09
CA PRO A 101 -13.82 3.01 11.74
C PRO A 101 -15.29 2.90 11.35
N ILE A 102 -16.00 1.89 11.87
CA ILE A 102 -17.44 1.80 11.69
C ILE A 102 -18.17 2.43 12.86
N GLU A 103 -17.75 2.11 14.10
CA GLU A 103 -18.50 2.51 15.27
C GLU A 103 -18.51 4.04 15.44
N GLN A 104 -17.40 4.71 15.15
CA GLN A 104 -17.39 6.17 15.28
C GLN A 104 -18.44 6.81 14.37
N GLN A 105 -18.63 6.26 13.17
CA GLN A 105 -19.63 6.83 12.26
C GLN A 105 -21.04 6.72 12.84
N ILE A 106 -21.33 5.61 13.50
CA ILE A 106 -22.63 5.44 14.15
C ILE A 106 -22.78 6.43 15.31
N LEU A 107 -21.73 6.53 16.15
CA LEU A 107 -21.75 7.49 17.25
C LEU A 107 -21.96 8.91 16.76
N GLU A 108 -21.30 9.28 15.66
CA GLU A 108 -21.47 10.65 15.16
C GLU A 108 -22.88 10.87 14.61
N ARG A 109 -23.45 9.85 13.95
CA ARG A 109 -24.77 10.03 13.36
C ARG A 109 -25.82 10.14 14.45
N LEU A 110 -25.69 9.33 15.51
CA LEU A 110 -26.56 9.47 16.68
C LEU A 110 -26.52 10.88 17.23
N GLU A 111 -25.30 11.41 17.42
CA GLU A 111 -25.15 12.77 17.92
C GLU A 111 -25.84 13.78 16.99
N LYS A 112 -25.64 13.64 15.68
CA LYS A 112 -26.21 14.58 14.73
C LYS A 112 -27.72 14.50 14.70
N GLU A 113 -28.26 13.29 14.87
CA GLU A 113 -29.71 13.08 15.01
C GLU A 113 -30.24 13.47 16.38
N LYS A 114 -29.39 13.87 17.33
CA LYS A 114 -29.80 14.15 18.71
C LYS A 114 -30.48 12.92 19.33
N THR A 115 -29.93 11.76 19.08
CA THR A 115 -30.47 10.54 19.61
C THR A 115 -29.35 9.71 20.26
N SER A 116 -29.73 8.59 20.85
CA SER A 116 -28.78 7.67 21.47
C SER A 116 -29.25 6.25 21.20
N LEU A 117 -28.43 5.27 21.63
CA LEU A 117 -28.77 3.86 21.45
C LEU A 117 -27.93 3.04 22.42
N GLU A 118 -28.50 2.73 23.59
CA GLU A 118 -27.78 2.13 24.71
C GLU A 118 -27.89 0.60 24.76
N ASN A 119 -28.77 0.00 23.96
CA ASN A 119 -28.92 -1.44 23.93
C ASN A 119 -27.79 -2.09 23.13
N PRO A 120 -26.96 -2.94 23.74
CA PRO A 120 -25.75 -3.42 23.04
C PRO A 120 -26.04 -4.18 21.77
N THR A 121 -27.02 -5.08 21.81
CA THR A 121 -27.40 -5.83 20.63
C THR A 121 -27.95 -4.91 19.55
N LEU A 122 -28.72 -3.89 19.95
CA LEU A 122 -29.27 -2.95 18.98
C LEU A 122 -28.20 -2.02 18.45
N PHE A 123 -27.27 -1.61 19.31
CA PHE A 123 -26.13 -0.81 18.89
C PHE A 123 -25.26 -1.58 17.91
N ARG A 124 -24.86 -2.79 18.30
CA ARG A 124 -24.07 -3.63 17.39
C ARG A 124 -24.82 -3.85 16.07
N GLU A 125 -26.14 -3.98 16.13
CA GLU A 125 -26.92 -4.15 14.90
C GLU A 125 -26.78 -2.93 13.98
N LYS A 126 -26.80 -1.72 14.54
CA LYS A 126 -26.66 -0.54 13.70
C LYS A 126 -25.27 -0.49 13.05
N CYS A 127 -24.25 -0.90 13.79
CA CYS A 127 -22.90 -0.98 13.23
C CYS A 127 -22.82 -2.05 12.15
N ARG A 128 -23.34 -3.23 12.44
CA ARG A 128 -23.29 -4.33 11.48
C ARG A 128 -24.02 -3.99 10.19
N ASP A 129 -25.17 -3.30 10.29
CA ASP A 129 -25.93 -2.91 9.09
C ASP A 129 -25.17 -1.87 8.27
N HIS A 130 -24.38 -1.04 8.94
CA HIS A 130 -23.56 -0.05 8.27
C HIS A 130 -22.42 -0.71 7.49
N ALA A 131 -21.73 -1.67 8.12
CA ALA A 131 -20.71 -2.44 7.40
C ALA A 131 -21.29 -3.18 6.20
N LYS A 132 -22.47 -3.81 6.36
CA LYS A 132 -23.09 -4.51 5.24
C LYS A 132 -23.35 -3.55 4.08
N LYS A 133 -23.92 -2.38 4.37
CA LYS A 133 -24.19 -1.37 3.34
C LYS A 133 -22.93 -1.04 2.56
N PHE A 134 -21.85 -0.66 3.25
CA PHE A 134 -20.70 -0.16 2.54
C PHE A 134 -19.82 -1.27 1.97
N LEU A 135 -19.91 -2.50 2.51
CA LEU A 135 -19.24 -3.62 1.86
C LEU A 135 -19.76 -3.79 0.44
N GLU A 136 -21.09 -3.75 0.28
CA GLU A 136 -21.68 -3.89 -1.05
C GLU A 136 -21.29 -2.70 -1.94
N ILE A 137 -21.24 -1.50 -1.37
CA ILE A 137 -20.89 -0.31 -2.14
C ILE A 137 -19.44 -0.42 -2.63
N GLN A 138 -18.53 -0.80 -1.74
CA GLN A 138 -17.12 -0.89 -2.11
C GLN A 138 -16.89 -2.04 -3.08
N LYS A 139 -17.56 -3.18 -2.86
CA LYS A 139 -17.45 -4.31 -3.78
C LYS A 139 -17.77 -3.88 -5.22
N ASN A 140 -18.90 -3.23 -5.40
CA ASN A 140 -19.28 -2.85 -6.76
C ASN A 140 -18.34 -1.78 -7.31
N GLU A 141 -17.86 -0.87 -6.46
CA GLU A 141 -16.87 0.11 -6.92
C GLU A 141 -15.56 -0.57 -7.31
N PHE A 142 -15.16 -1.63 -6.58
CA PHE A 142 -13.96 -2.38 -6.96
C PHE A 142 -14.14 -3.01 -8.34
N LEU A 143 -15.32 -3.59 -8.61
CA LEU A 143 -15.56 -4.27 -9.88
C LEU A 143 -15.51 -3.29 -11.06
N GLN A 144 -15.82 -2.01 -10.82
CA GLN A 144 -15.75 -1.02 -11.89
C GLN A 144 -14.32 -0.66 -12.26
N LEU A 145 -13.32 -1.15 -11.52
CA LEU A 145 -11.91 -1.02 -11.91
C LEU A 145 -11.45 -2.15 -12.83
N GLY A 146 -12.32 -3.11 -13.13
CA GLY A 146 -11.93 -4.25 -13.95
C GLY A 146 -11.16 -5.35 -13.23
N VAL A 147 -11.23 -5.39 -11.92
CA VAL A 147 -10.43 -6.36 -11.17
C VAL A 147 -11.22 -7.65 -11.06
N LEU A 148 -10.48 -8.75 -10.90
CA LEU A 148 -11.05 -10.09 -10.84
C LEU A 148 -10.59 -10.77 -9.54
N GLY A 149 -11.56 -11.27 -8.79
CA GLY A 149 -11.34 -11.98 -7.55
C GLY A 149 -12.66 -12.61 -7.13
N ASP A 150 -12.66 -13.26 -5.97
CA ASP A 150 -13.89 -13.90 -5.52
C ASP A 150 -14.79 -12.91 -4.77
N PHE A 151 -15.15 -11.83 -5.47
CA PHE A 151 -15.92 -10.73 -4.89
C PHE A 151 -17.37 -11.11 -4.58
N GLU A 152 -17.90 -12.19 -5.18
CA GLU A 152 -19.23 -12.65 -4.79
C GLU A 152 -19.21 -13.54 -3.55
N ASP A 153 -18.04 -14.00 -3.12
CA ASP A 153 -17.89 -14.77 -1.87
C ASP A 153 -16.70 -14.21 -1.09
N PRO A 154 -16.73 -12.93 -0.75
CA PRO A 154 -15.61 -12.33 -0.02
C PRO A 154 -15.63 -12.74 1.43
N TYR A 155 -14.49 -12.56 2.10
CA TYR A 155 -14.48 -12.80 3.53
C TYR A 155 -14.87 -11.52 4.30
N LYS A 156 -15.47 -11.72 5.48
CA LYS A 156 -16.03 -10.61 6.27
C LYS A 156 -15.72 -10.88 7.74
N THR A 157 -15.05 -9.94 8.42
CA THR A 157 -14.75 -10.19 9.83
C THR A 157 -16.02 -10.24 10.69
N MET A 158 -17.15 -9.72 10.17
CA MET A 158 -18.43 -9.82 10.89
C MET A 158 -19.20 -11.11 10.64
N ASP A 159 -18.78 -11.94 9.68
CA ASP A 159 -19.39 -13.26 9.58
C ASP A 159 -19.22 -13.99 10.91
N PHE A 160 -20.22 -14.78 11.30
CA PHE A 160 -20.16 -15.45 12.60
C PHE A 160 -18.97 -16.41 12.68
N LYS A 161 -18.71 -17.19 11.61
CA LYS A 161 -17.55 -18.08 11.61
C LYS A 161 -16.24 -17.30 11.70
N PHE A 162 -16.17 -16.12 11.09
CA PHE A 162 -14.98 -15.28 11.22
C PHE A 162 -14.81 -14.78 12.65
N GLU A 163 -15.90 -14.31 13.29
CA GLU A 163 -15.81 -13.89 14.68
C GLU A 163 -15.27 -15.04 15.54
N ALA A 164 -15.72 -16.27 15.26
CA ALA A 164 -15.21 -17.42 16.00
C ALA A 164 -13.72 -17.66 15.68
N SER A 165 -13.31 -17.45 14.42
CA SER A 165 -11.91 -17.65 14.05
C SER A 165 -10.99 -16.67 14.76
N ILE A 166 -11.39 -15.40 14.84
CA ILE A 166 -10.62 -14.41 15.59
C ILE A 166 -10.52 -14.85 17.06
N TYR A 167 -11.64 -15.26 17.65
CA TYR A 167 -11.61 -15.67 19.05
C TYR A 167 -10.70 -16.89 19.26
N ARG A 168 -10.74 -17.86 18.33
CA ARG A 168 -9.85 -19.02 18.44
C ARG A 168 -8.37 -18.64 18.27
N ALA A 169 -8.10 -17.61 17.47
CA ALA A 169 -6.73 -17.09 17.43
C ALA A 169 -6.31 -16.55 18.79
N LEU A 170 -7.20 -15.76 19.41
CA LEU A 170 -6.96 -15.24 20.76
C LEU A 170 -6.74 -16.36 21.76
N VAL A 171 -7.54 -17.43 21.64
CA VAL A 171 -7.39 -18.61 22.51
C VAL A 171 -5.98 -19.19 22.38
N GLU A 172 -5.47 -19.30 21.15
CA GLU A 172 -4.12 -19.82 20.97
C GLU A 172 -3.08 -18.94 21.66
N VAL A 173 -3.25 -17.61 21.60
CA VAL A 173 -2.34 -16.70 22.31
C VAL A 173 -2.41 -16.94 23.82
N ALA A 174 -3.61 -17.11 24.35
CA ALA A 174 -3.74 -17.29 25.79
C ALA A 174 -3.14 -18.62 26.26
N LYS A 175 -3.36 -19.70 25.51
CA LYS A 175 -2.83 -20.99 25.93
C LYS A 175 -1.30 -21.05 25.80
N LYS A 176 -0.71 -20.18 24.98
CA LYS A 176 0.75 -20.10 24.93
C LYS A 176 1.35 -19.13 25.97
N GLY A 177 0.52 -18.62 26.89
CA GLY A 177 1.06 -17.82 27.98
C GLY A 177 1.39 -16.38 27.66
N LEU A 178 0.96 -15.88 26.50
CA LEU A 178 1.32 -14.53 26.09
C LEU A 178 0.23 -13.49 26.36
N LEU A 179 -0.95 -13.90 26.82
CA LEU A 179 -2.07 -13.01 27.07
C LEU A 179 -2.14 -12.77 28.58
N LYS A 180 -1.79 -11.56 29.01
CA LYS A 180 -1.64 -11.23 30.43
C LYS A 180 -2.20 -9.84 30.71
N GLU A 181 -2.79 -9.70 31.91
CA GLU A 181 -3.21 -8.38 32.39
C GLU A 181 -2.01 -7.61 32.90
N ARG A 182 -1.98 -6.30 32.59
CA ARG A 182 -1.03 -5.35 33.16
C ARG A 182 -1.78 -4.10 33.62
N HIS A 183 -1.26 -3.46 34.67
CA HIS A 183 -1.75 -2.16 35.13
C HIS A 183 -0.62 -1.15 34.94
N LYS A 184 -0.86 -0.16 34.09
CA LYS A 184 0.12 0.87 33.79
C LYS A 184 -0.56 1.95 32.95
N PRO A 185 0.06 3.14 32.86
CA PRO A 185 -0.47 4.19 31.99
C PRO A 185 -0.32 3.81 30.52
N ILE A 186 -1.43 3.91 29.78
CA ILE A 186 -1.43 3.69 28.34
C ILE A 186 -2.20 4.80 27.66
N TYR A 187 -2.03 4.89 26.34
CA TYR A 187 -2.86 5.76 25.52
C TYR A 187 -4.33 5.63 25.93
N TRP A 188 -4.98 6.77 26.12
CA TRP A 188 -6.40 6.78 26.45
C TRP A 188 -7.11 7.84 25.62
N SER A 189 -8.06 7.40 24.80
CA SER A 189 -8.84 8.34 24.00
C SER A 189 -10.08 8.71 24.82
N TYR A 190 -10.07 9.91 25.41
CA TYR A 190 -11.22 10.34 26.19
C TYR A 190 -12.47 10.51 25.30
N ALA A 191 -12.29 10.91 24.04
CA ALA A 191 -13.45 11.18 23.19
C ALA A 191 -14.22 9.92 22.85
N CYS A 192 -13.60 8.75 22.92
CA CYS A 192 -14.32 7.50 22.76
C CYS A 192 -14.23 6.63 24.00
N GLU A 193 -13.74 7.19 25.11
CA GLU A 193 -13.61 6.47 26.39
C GLU A 193 -13.01 5.08 26.19
N SER A 194 -11.87 5.04 25.50
CA SER A 194 -11.21 3.77 25.27
C SER A 194 -9.69 3.89 25.32
N ALA A 195 -9.08 2.85 25.85
CA ALA A 195 -7.67 2.58 25.62
C ALA A 195 -7.41 2.45 24.12
N LEU A 196 -6.16 2.72 23.72
CA LEU A 196 -5.68 2.58 22.35
C LEU A 196 -4.28 2.01 22.36
N ALA A 197 -3.84 1.52 21.19
CA ALA A 197 -2.45 1.14 20.99
C ALA A 197 -1.94 1.85 19.74
N GLU A 198 -0.67 1.55 19.37
CA GLU A 198 0.06 2.46 18.46
C GLU A 198 -0.64 2.61 17.11
N ALA A 199 -1.14 1.51 16.54
CA ALA A 199 -1.75 1.63 15.22
C ALA A 199 -3.02 2.49 15.22
N GLU A 200 -3.58 2.79 16.39
CA GLU A 200 -4.78 3.63 16.50
C GLU A 200 -4.49 5.08 16.86
N VAL A 201 -3.21 5.45 16.84
CA VAL A 201 -2.75 6.78 17.21
C VAL A 201 -2.13 7.45 15.99
N GLU A 202 -2.51 8.71 15.75
CA GLU A 202 -1.95 9.54 14.69
C GLU A 202 -1.23 10.71 15.34
N TYR A 203 0.08 10.80 15.12
CA TYR A 203 0.84 11.90 15.68
C TYR A 203 0.68 13.12 14.78
N LYS A 204 0.31 14.26 15.38
CA LYS A 204 0.12 15.52 14.69
C LYS A 204 0.75 16.65 15.50
N MET A 205 1.06 17.75 14.81
CA MET A 205 1.56 18.93 15.50
C MET A 205 0.44 19.58 16.32
N LYS A 206 0.80 20.01 17.52
CA LYS A 206 -0.18 20.54 18.46
C LYS A 206 0.52 21.58 19.33
N LYS A 207 -0.15 22.70 19.59
CA LYS A 207 0.42 23.70 20.48
C LYS A 207 0.18 23.30 21.94
N SER A 208 1.14 23.64 22.81
CA SER A 208 1.11 23.28 24.21
C SER A 208 1.72 24.39 25.07
N PRO A 209 1.22 24.59 26.30
CA PRO A 209 2.01 25.32 27.29
C PRO A 209 3.30 24.57 27.55
N SER A 210 4.32 25.31 27.95
CA SER A 210 5.62 24.75 28.29
C SER A 210 6.13 25.56 29.46
N ILE A 211 6.23 24.95 30.65
CA ILE A 211 6.43 25.73 31.86
C ILE A 211 7.56 25.15 32.71
N PHE A 212 8.23 26.05 33.42
CA PHE A 212 9.32 25.73 34.33
C PHE A 212 8.86 26.11 35.73
N VAL A 213 8.85 25.14 36.64
CA VAL A 213 8.18 25.26 37.94
C VAL A 213 9.13 24.89 39.06
N ALA A 214 9.20 25.74 40.09
CA ALA A 214 10.05 25.50 41.24
C ALA A 214 9.32 24.73 42.34
N PHE A 215 9.98 23.69 42.83
CA PHE A 215 9.53 22.88 43.97
C PHE A 215 10.53 23.12 45.09
N GLY A 216 10.12 23.89 46.10
CA GLY A 216 11.02 24.21 47.19
C GLY A 216 11.29 22.99 48.06
N LEU A 217 12.56 22.81 48.40
CA LEU A 217 12.92 21.75 49.35
C LEU A 217 12.32 22.05 50.73
N LYS A 218 11.96 20.98 51.43
CA LYS A 218 11.40 21.13 52.76
C LYS A 218 12.50 21.52 53.76
N LYS A 219 12.06 22.14 54.86
CA LYS A 219 12.98 22.66 55.87
C LYS A 219 13.99 21.60 56.31
N GLU A 220 13.51 20.39 56.59
CA GLU A 220 14.39 19.32 57.04
C GLU A 220 15.39 18.92 55.95
N SER A 221 15.00 19.01 54.68
CA SER A 221 15.92 18.70 53.58
C SER A 221 16.95 19.81 53.37
N LEU A 222 16.54 21.07 53.50
CA LEU A 222 17.49 22.19 53.47
C LEU A 222 18.51 22.10 54.61
N GLU A 223 18.05 21.66 55.79
CA GLU A 223 18.96 21.47 56.92
C GLU A 223 19.97 20.37 56.63
N LYS A 224 19.51 19.30 55.97
CA LYS A 224 20.39 18.20 55.59
C LYS A 224 21.40 18.62 54.53
N LEU A 225 20.98 19.44 53.57
CA LEU A 225 21.84 19.90 52.50
C LEU A 225 22.74 21.08 52.91
N LYS A 226 22.45 21.72 54.04
CA LYS A 226 23.23 22.82 54.62
C LYS A 226 23.16 24.11 53.80
N VAL A 227 22.03 24.37 53.15
CA VAL A 227 21.82 25.64 52.46
C VAL A 227 20.55 26.31 53.00
N LYS A 228 20.47 27.63 52.79
CA LYS A 228 19.33 28.40 53.25
C LYS A 228 18.13 28.29 52.31
N LYS A 229 18.37 28.35 51.01
CA LYS A 229 17.32 28.23 49.99
C LYS A 229 17.76 27.26 48.90
N ALA A 230 16.81 26.41 48.49
CA ALA A 230 17.04 25.49 47.39
C ALA A 230 15.68 25.06 46.88
N SER A 231 15.46 25.22 45.57
CA SER A 231 14.27 24.70 44.89
C SER A 231 14.70 24.03 43.59
N LEU A 232 14.30 22.77 43.42
CA LEU A 232 14.46 22.08 42.15
C LEU A 232 13.48 22.66 41.13
N VAL A 233 13.96 22.88 39.90
CA VAL A 233 13.10 23.36 38.84
C VAL A 233 12.82 22.20 37.88
N ILE A 234 11.55 21.99 37.58
CA ILE A 234 11.16 21.00 36.58
C ILE A 234 10.65 21.74 35.35
N TRP A 235 10.64 21.03 34.23
CA TRP A 235 10.04 21.48 32.99
C TRP A 235 8.92 20.50 32.61
N THR A 236 7.76 21.03 32.25
CA THR A 236 6.67 20.16 31.81
C THR A 236 5.82 20.87 30.77
N THR A 237 5.26 20.07 29.87
CA THR A 237 4.23 20.56 28.96
C THR A 237 2.82 20.18 29.43
N THR A 238 2.70 19.49 30.57
CA THR A 238 1.41 19.01 31.07
C THR A 238 1.16 19.46 32.51
N PRO A 239 0.83 20.72 32.72
CA PRO A 239 0.36 21.13 34.06
C PRO A 239 -0.82 20.31 34.55
N TRP A 240 -1.59 19.66 33.66
CA TRP A 240 -2.71 18.86 34.12
C TRP A 240 -2.28 17.63 34.93
N THR A 241 -1.01 17.23 34.87
CA THR A 241 -0.55 16.09 35.67
C THR A 241 0.17 16.50 36.95
N LEU A 242 0.33 17.81 37.20
CA LEU A 242 1.05 18.24 38.40
C LEU A 242 0.35 17.79 39.68
N TYR A 243 -0.98 17.68 39.65
CA TYR A 243 -1.72 17.22 40.82
C TYR A 243 -1.27 15.80 41.22
N ALA A 244 -0.80 15.01 40.26
CA ALA A 244 -0.45 13.61 40.46
C ALA A 244 1.05 13.41 40.70
N ASN A 245 1.78 14.51 40.95
CA ASN A 245 3.21 14.41 41.24
C ASN A 245 3.45 13.64 42.53
N VAL A 246 4.46 12.78 42.54
CA VAL A 246 4.93 12.15 43.78
C VAL A 246 6.44 12.26 43.94
N ALA A 247 7.15 12.63 42.87
CA ALA A 247 8.60 12.66 42.90
C ALA A 247 9.17 13.64 41.88
N ILE A 248 10.44 13.99 42.10
CA ILE A 248 11.26 14.71 41.13
C ILE A 248 12.49 13.85 40.88
N ALA A 249 12.64 13.38 39.64
CA ALA A 249 13.65 12.41 39.27
C ALA A 249 14.86 13.13 38.68
N LEU A 250 16.03 12.83 39.24
CA LEU A 250 17.29 13.40 38.79
C LEU A 250 18.09 12.35 38.03
N LYS A 251 19.07 12.82 37.27
CA LYS A 251 20.05 11.93 36.65
C LYS A 251 21.04 11.42 37.68
N LYS A 252 21.31 10.11 37.64
CA LYS A 252 22.24 9.49 38.59
C LYS A 252 23.65 10.03 38.41
N ASP A 253 24.36 10.16 39.54
CA ASP A 253 25.78 10.55 39.58
C ASP A 253 26.03 11.76 38.67
N ALA A 254 25.24 12.81 38.87
CA ALA A 254 25.35 14.00 38.04
C ALA A 254 25.41 15.23 38.92
N VAL A 255 26.10 16.27 38.42
CA VAL A 255 26.30 17.50 39.19
C VAL A 255 25.10 18.42 39.00
N TYR A 256 24.60 18.96 40.11
CA TYR A 256 23.47 19.87 40.11
C TYR A 256 23.91 21.20 40.71
N ALA A 257 23.64 22.29 39.98
CA ALA A 257 24.08 23.61 40.38
C ALA A 257 23.00 24.31 41.16
N LEU A 258 23.40 24.97 42.24
CA LEU A 258 22.52 25.80 43.06
C LEU A 258 22.84 27.26 42.80
N THR A 259 21.84 28.02 42.34
CA THR A 259 22.07 29.41 42.01
C THR A 259 21.95 30.29 43.25
N GLN A 260 22.38 31.56 43.08
CA GLN A 260 22.35 32.51 44.17
C GLN A 260 20.92 32.76 44.67
N LYS A 261 19.94 32.77 43.76
CA LYS A 261 18.56 32.96 44.20
C LYS A 261 17.94 31.69 44.79
N GLY A 262 18.64 30.57 44.70
CA GLY A 262 18.21 29.36 45.34
C GLY A 262 17.60 28.32 44.42
N TYR A 263 17.88 28.37 43.13
CA TYR A 263 17.35 27.38 42.20
C TYR A 263 18.38 26.29 41.93
N LEU A 264 17.90 25.05 41.86
CA LEU A 264 18.75 23.88 41.72
C LEU A 264 18.40 23.16 40.42
N VAL A 265 19.36 23.08 39.50
CA VAL A 265 19.17 22.50 38.18
C VAL A 265 20.43 21.73 37.82
N ALA A 266 20.33 20.89 36.79
CA ALA A 266 21.52 20.18 36.31
C ALA A 266 22.55 21.20 35.82
N LYS A 267 23.79 21.06 36.30
CA LYS A 267 24.83 22.02 35.92
C LYS A 267 25.02 22.05 34.40
N ALA A 268 24.90 20.89 33.73
CA ALA A 268 25.04 20.86 32.27
C ALA A 268 23.97 21.68 31.56
N LEU A 269 22.84 21.96 32.20
CA LEU A 269 21.78 22.76 31.59
C LEU A 269 21.71 24.18 32.11
N HIS A 270 22.54 24.55 33.09
CA HIS A 270 22.40 25.86 33.73
C HIS A 270 22.61 27.00 32.74
N GLU A 271 23.60 26.89 31.84
CA GLU A 271 23.81 27.93 30.85
C GLU A 271 22.56 28.17 30.00
N LYS A 272 22.00 27.09 29.45
CA LYS A 272 20.79 27.21 28.64
C LYS A 272 19.66 27.87 29.43
N LEU A 273 19.44 27.44 30.68
CA LEU A 273 18.31 27.91 31.48
C LEU A 273 18.47 29.37 31.91
N ALA A 274 19.70 29.77 32.24
CA ALA A 274 19.92 31.17 32.58
C ALA A 274 19.73 32.07 31.36
N ALA A 275 20.13 31.58 30.18
CA ALA A 275 19.92 32.34 28.96
C ALA A 275 18.43 32.46 28.64
N LEU A 276 17.65 31.43 28.99
CA LEU A 276 16.21 31.50 28.85
C LEU A 276 15.56 32.41 29.88
N GLY A 277 16.31 32.81 30.91
CA GLY A 277 15.71 33.47 32.04
C GLY A 277 14.99 32.58 33.02
N VAL A 278 15.14 31.26 32.93
CA VAL A 278 14.50 30.39 33.92
C VAL A 278 15.15 30.58 35.29
N VAL A 279 16.47 30.63 35.34
CA VAL A 279 17.20 30.77 36.60
C VAL A 279 18.24 31.89 36.45
N ASP A 280 18.78 32.33 37.59
CA ASP A 280 19.79 33.36 37.58
C ASP A 280 21.16 32.74 37.25
N ASN A 281 22.13 33.60 36.94
CA ASN A 281 23.35 33.13 36.30
C ASN A 281 24.43 32.69 37.28
N GLU A 282 24.36 33.11 38.54
CA GLU A 282 25.44 32.90 39.51
C GLU A 282 25.25 31.57 40.23
N ILE A 283 26.21 30.66 40.08
CA ILE A 283 26.21 29.39 40.81
C ILE A 283 27.01 29.58 42.09
N THR A 284 26.42 29.14 43.22
CA THR A 284 27.07 29.25 44.53
C THR A 284 27.58 27.92 45.06
N HIS A 285 26.91 26.83 44.70
CA HIS A 285 27.26 25.51 45.19
C HIS A 285 26.95 24.48 44.10
N GLU A 286 27.71 23.39 44.12
CA GLU A 286 27.46 22.23 43.29
C GLU A 286 27.28 21.00 44.16
N PHE A 287 26.33 20.14 43.78
CA PHE A 287 26.02 18.93 44.53
C PHE A 287 25.89 17.76 43.57
N ASN A 288 26.25 16.57 44.06
CA ASN A 288 26.03 15.36 43.30
C ASN A 288 24.61 14.85 43.55
N SER A 289 23.92 14.47 42.48
CA SER A 289 22.56 13.96 42.61
C SER A 289 22.47 12.79 43.60
N ASN A 290 23.51 11.96 43.71
CA ASN A 290 23.48 10.88 44.68
C ASN A 290 23.30 11.38 46.11
N ASP A 291 23.74 12.61 46.40
CA ASP A 291 23.59 13.20 47.71
C ASP A 291 22.24 13.91 47.89
N LEU A 292 21.46 14.05 46.82
CA LEU A 292 20.13 14.64 46.87
C LEU A 292 19.00 13.61 46.94
N GLU A 293 19.28 12.36 46.55
CA GLU A 293 18.26 11.33 46.64
C GLU A 293 17.71 11.23 48.06
N TYR A 294 16.38 11.15 48.15
CA TYR A 294 15.59 11.00 49.39
C TYR A 294 15.46 12.29 50.17
N LEU A 295 15.94 13.42 49.63
CA LEU A 295 15.42 14.69 50.10
C LEU A 295 13.97 14.80 49.64
N VAL A 296 13.25 15.77 50.21
CA VAL A 296 11.83 15.92 49.94
C VAL A 296 11.55 17.38 49.62
N ALA A 297 10.76 17.62 48.55
CA ALA A 297 10.33 18.95 48.19
C ALA A 297 8.83 19.10 48.41
N THR A 298 8.31 20.31 48.15
CA THR A 298 6.91 20.64 48.27
C THR A 298 6.33 21.07 46.93
N ASN A 299 5.22 20.43 46.53
CA ASN A 299 4.50 20.79 45.31
C ASN A 299 3.82 22.15 45.47
N PRO A 300 4.16 23.16 44.66
CA PRO A 300 3.50 24.47 44.82
C PRO A 300 2.03 24.47 44.47
N LEU A 301 1.55 23.47 43.71
CA LEU A 301 0.15 23.44 43.32
C LEU A 301 -0.75 23.00 44.46
N ASN A 302 -0.30 22.04 45.30
CA ASN A 302 -1.17 21.48 46.33
C ASN A 302 -0.48 21.28 47.67
N GLN A 303 0.76 21.73 47.84
CA GLN A 303 1.55 21.64 49.06
C GLN A 303 1.93 20.21 49.44
N ARG A 304 1.80 19.26 48.52
CA ARG A 304 2.13 17.87 48.85
C ARG A 304 3.62 17.61 48.77
N ASP A 305 4.08 16.65 49.58
CA ASP A 305 5.45 16.19 49.49
C ASP A 305 5.78 15.68 48.09
N SER A 306 7.04 15.86 47.70
CA SER A 306 7.55 15.27 46.47
C SER A 306 8.94 14.72 46.76
N LEU A 307 9.12 13.42 46.52
CA LEU A 307 10.38 12.76 46.84
C LEU A 307 11.43 13.06 45.77
N VAL A 308 12.65 13.42 46.22
CA VAL A 308 13.75 13.54 45.27
C VAL A 308 14.27 12.14 44.96
N ALA A 309 14.17 11.75 43.69
CA ALA A 309 14.49 10.40 43.27
C ALA A 309 15.54 10.44 42.16
N LEU A 310 16.10 9.27 41.89
CA LEU A 310 17.03 9.10 40.78
C LEU A 310 16.34 8.28 39.69
N GLY A 311 16.21 8.89 38.51
CA GLY A 311 15.61 8.20 37.40
C GLY A 311 16.62 7.36 36.65
N GLU A 312 16.10 6.46 35.80
CA GLU A 312 16.97 5.51 35.13
C GLU A 312 17.82 6.17 34.06
N HIS A 313 17.21 6.96 33.18
CA HIS A 313 17.95 7.59 32.08
C HIS A 313 17.38 9.01 31.86
N VAL A 314 17.61 9.87 32.84
CA VAL A 314 17.15 11.26 32.73
C VAL A 314 18.02 11.99 31.71
N GLY A 315 17.37 12.66 30.77
CA GLY A 315 18.08 13.36 29.72
C GLY A 315 18.48 14.78 30.11
N LEU A 316 19.56 15.25 29.49
CA LEU A 316 20.07 16.60 29.73
C LEU A 316 20.12 17.43 28.45
N GLU A 317 19.39 17.01 27.41
CA GLU A 317 19.31 17.83 26.20
C GLU A 317 18.21 18.86 26.26
N ASP A 318 17.11 18.57 26.95
CA ASP A 318 16.04 19.53 27.17
C ASP A 318 15.62 19.53 28.63
N GLY A 319 14.75 20.46 28.97
CA GLY A 319 14.29 20.52 30.35
C GLY A 319 15.34 21.11 31.28
N THR A 320 15.36 20.58 32.50
CA THR A 320 16.22 21.05 33.59
C THR A 320 17.09 19.97 34.21
N GLY A 321 16.91 18.70 33.84
CA GLY A 321 17.53 17.58 34.52
C GLY A 321 16.82 17.13 35.77
N ALA A 322 15.66 17.72 36.08
CA ALA A 322 14.81 17.29 37.18
C ALA A 322 13.41 17.09 36.60
N VAL A 323 12.91 15.86 36.69
CA VAL A 323 11.72 15.45 35.95
C VAL A 323 10.55 15.31 36.91
N HIS A 324 9.50 16.10 36.68
CA HIS A 324 8.26 15.93 37.43
C HIS A 324 7.68 14.54 37.14
N THR A 325 7.43 13.77 38.19
CA THR A 325 7.09 12.35 38.04
C THR A 325 5.66 12.09 38.51
N ALA A 326 4.83 11.60 37.60
CA ALA A 326 3.40 11.37 37.82
C ALA A 326 3.10 9.95 37.40
N PRO A 327 3.23 8.99 38.32
CA PRO A 327 3.01 7.57 37.96
C PRO A 327 1.65 7.28 37.34
N GLY A 328 0.60 8.04 37.67
CA GLY A 328 -0.70 7.78 37.07
C GLY A 328 -0.79 8.11 35.59
N HIS A 329 0.16 8.88 35.05
CA HIS A 329 -0.02 9.43 33.70
C HIS A 329 1.20 9.28 32.80
N GLY A 330 2.15 8.43 33.16
CA GLY A 330 3.36 8.27 32.37
C GLY A 330 3.94 6.92 32.65
N GLU A 331 4.26 6.15 31.60
CA GLU A 331 4.65 4.76 31.82
C GLU A 331 5.99 4.67 32.56
N GLU A 332 6.99 5.47 32.15
CA GLU A 332 8.25 5.45 32.87
C GLU A 332 8.09 6.00 34.28
N ASP A 333 7.26 7.06 34.43
CA ASP A 333 6.91 7.54 35.75
C ASP A 333 6.34 6.43 36.63
N TYR A 334 5.47 5.60 36.05
CA TYR A 334 4.83 4.53 36.80
C TYR A 334 5.87 3.54 37.34
N TYR A 335 6.82 3.12 36.50
CA TYR A 335 7.82 2.18 36.98
C TYR A 335 8.68 2.80 38.08
N LEU A 336 9.05 4.08 37.93
CA LEU A 336 9.81 4.73 38.97
C LEU A 336 9.03 4.78 40.28
N GLY A 337 7.74 5.13 40.20
CA GLY A 337 6.91 5.15 41.38
C GLY A 337 6.93 3.82 42.14
N LEU A 338 6.75 2.72 41.40
CA LEU A 338 6.76 1.41 42.04
C LEU A 338 8.13 1.09 42.66
N ARG A 339 9.21 1.46 41.96
CA ARG A 339 10.55 1.19 42.49
C ARG A 339 10.75 1.85 43.84
N TYR A 340 10.16 3.02 44.04
CA TYR A 340 10.26 3.73 45.31
C TYR A 340 9.04 3.51 46.21
N ASN A 341 8.12 2.62 45.83
CA ASN A 341 6.90 2.34 46.61
C ASN A 341 6.12 3.62 46.91
N LEU A 342 5.95 4.44 45.87
CA LEU A 342 5.20 5.68 45.96
C LEU A 342 3.75 5.48 45.54
N GLU A 343 2.91 6.45 45.91
CA GLU A 343 1.52 6.43 45.50
C GLU A 343 1.40 6.57 43.99
N VAL A 344 0.46 5.81 43.41
CA VAL A 344 0.02 6.03 42.05
C VAL A 344 -1.21 6.93 42.14
N LEU A 345 -1.02 8.22 41.95
CA LEU A 345 -2.16 9.14 41.94
C LEU A 345 -2.76 9.16 40.54
N MET A 346 -4.05 8.84 40.43
CA MET A 346 -4.72 8.89 39.13
C MET A 346 -6.19 9.22 39.38
N SER A 347 -6.53 10.50 39.23
CA SER A 347 -7.87 11.01 39.52
C SER A 347 -8.52 11.59 38.27
N VAL A 348 -8.22 11.01 37.10
CA VAL A 348 -8.76 11.46 35.83
C VAL A 348 -9.60 10.31 35.27
N ASP A 349 -10.89 10.59 34.99
CA ASP A 349 -11.84 9.55 34.62
C ASP A 349 -11.75 9.20 33.14
N GLU A 350 -12.66 8.32 32.70
CA GLU A 350 -12.61 7.80 31.34
C GLU A 350 -12.91 8.87 30.29
N LYS A 351 -13.58 9.95 30.68
CA LYS A 351 -13.81 11.05 29.76
C LYS A 351 -12.76 12.16 29.86
N GLY A 352 -11.63 11.89 30.51
CA GLY A 352 -10.57 12.89 30.59
C GLY A 352 -10.84 14.03 31.56
N CYS A 353 -11.72 13.83 32.54
CA CYS A 353 -12.11 14.84 33.50
C CYS A 353 -11.68 14.46 34.91
N TYR A 354 -11.29 15.48 35.70
CA TYR A 354 -10.91 15.25 37.09
C TYR A 354 -12.12 14.72 37.87
N ASP A 355 -11.88 13.74 38.74
CA ASP A 355 -12.97 13.17 39.52
C ASP A 355 -12.73 13.36 41.01
N GLU A 356 -13.61 12.74 41.82
CA GLU A 356 -13.64 12.95 43.27
C GLU A 356 -12.31 12.62 43.94
N GLY A 357 -11.44 11.87 43.25
CA GLY A 357 -10.13 11.55 43.80
C GLY A 357 -9.29 12.76 44.17
N ILE A 358 -9.50 13.89 43.49
CA ILE A 358 -8.71 15.09 43.79
C ILE A 358 -9.10 15.67 45.14
N ILE A 359 -10.36 15.48 45.54
CA ILE A 359 -10.87 15.96 46.82
C ILE A 359 -10.50 14.99 47.94
N HIS A 360 -10.82 13.71 47.71
CA HIS A 360 -10.61 12.69 48.73
C HIS A 360 -9.13 12.54 49.08
N ASN A 361 -8.24 12.87 48.14
CA ASN A 361 -6.81 12.76 48.37
C ASN A 361 -6.13 14.11 48.52
N GLN A 362 -6.87 15.22 48.39
CA GLN A 362 -6.37 16.59 48.55
C GLN A 362 -5.29 16.93 47.53
N LEU A 363 -5.56 16.61 46.26
CA LEU A 363 -4.58 16.77 45.20
C LEU A 363 -4.73 18.06 44.43
N LEU A 364 -5.92 18.64 44.42
CA LEU A 364 -6.27 19.74 43.54
C LEU A 364 -7.59 20.32 44.04
N ASP A 365 -7.73 21.62 43.87
CA ASP A 365 -8.85 22.35 44.48
C ASP A 365 -10.19 21.80 43.98
N GLU A 366 -11.20 21.88 44.87
CA GLU A 366 -12.50 21.27 44.58
C GLU A 366 -13.12 21.84 43.32
N SER A 367 -12.84 23.12 43.01
CA SER A 367 -13.35 23.78 41.82
C SER A 367 -13.05 23.03 40.52
N TYR A 368 -11.98 22.24 40.48
CA TYR A 368 -11.62 21.50 39.26
C TYR A 368 -12.45 20.24 39.05
N LEU A 369 -13.35 19.92 39.97
CA LEU A 369 -14.14 18.69 39.86
C LEU A 369 -14.98 18.71 38.58
N GLY A 370 -14.82 17.68 37.77
CA GLY A 370 -15.57 17.58 36.52
C GLY A 370 -14.90 18.23 35.33
N GLU A 371 -13.85 19.03 35.54
CA GLU A 371 -13.20 19.75 34.46
C GLU A 371 -12.35 18.83 33.60
N HIS A 372 -12.39 19.06 32.29
CA HIS A 372 -11.50 18.34 31.40
C HIS A 372 -10.07 18.80 31.61
N VAL A 373 -9.15 17.83 31.59
CA VAL A 373 -7.76 18.11 31.95
C VAL A 373 -7.16 19.18 31.03
N PHE A 374 -7.46 19.13 29.74
CA PHE A 374 -6.92 20.14 28.83
C PHE A 374 -7.55 21.51 29.05
N LYS A 375 -8.81 21.55 29.53
CA LYS A 375 -9.46 22.83 29.79
C LYS A 375 -8.94 23.49 31.07
N ALA A 376 -8.49 22.69 32.03
CA ALA A 376 -8.10 23.17 33.35
C ALA A 376 -6.72 23.81 33.38
N GLN A 377 -5.91 23.64 32.32
CA GLN A 377 -4.49 23.94 32.41
C GLN A 377 -4.21 25.44 32.56
N LYS A 378 -5.02 26.31 31.95
CA LYS A 378 -4.79 27.75 32.13
C LYS A 378 -4.96 28.16 33.58
N ARG A 379 -5.99 27.65 34.25
CA ARG A 379 -6.23 28.02 35.64
C ARG A 379 -5.17 27.42 36.55
N ILE A 380 -4.68 26.22 36.22
CA ILE A 380 -3.61 25.62 37.02
C ILE A 380 -2.34 26.46 36.93
N ILE A 381 -1.95 26.82 35.71
CA ILE A 381 -0.74 27.63 35.52
C ILE A 381 -0.85 28.94 36.31
N GLU A 382 -2.02 29.57 36.29
CA GLU A 382 -2.20 30.79 37.08
C GLU A 382 -2.10 30.52 38.58
N GLN A 383 -2.48 29.33 39.03
CA GLN A 383 -2.48 29.03 40.44
C GLN A 383 -1.07 28.80 40.99
N LEU A 384 -0.10 28.57 40.10
CA LEU A 384 1.29 28.35 40.51
C LEU A 384 1.98 29.61 41.02
N GLY A 385 1.52 30.80 40.62
CA GLY A 385 2.04 32.02 41.21
C GLY A 385 3.54 32.15 41.04
N ASP A 386 4.23 32.49 42.14
CA ASP A 386 5.66 32.76 42.09
C ASP A 386 6.48 31.52 41.75
N SER A 387 5.92 30.31 41.90
CA SER A 387 6.68 29.13 41.54
C SER A 387 6.81 28.95 40.04
N LEU A 388 6.01 29.66 39.25
CA LEU A 388 6.09 29.61 37.80
C LEU A 388 7.25 30.52 37.36
N LEU A 389 8.36 29.91 36.95
CA LEU A 389 9.54 30.70 36.63
C LEU A 389 9.51 31.22 35.20
N LEU A 390 8.91 30.46 34.29
CA LEU A 390 8.83 30.88 32.90
C LEU A 390 7.74 30.07 32.22
N GLU A 391 6.95 30.74 31.39
CA GLU A 391 5.93 30.09 30.59
C GLU A 391 6.19 30.36 29.12
N GLN A 392 6.18 29.30 28.33
CA GLN A 392 6.28 29.38 26.88
C GLN A 392 5.04 28.75 26.27
N GLU A 393 4.84 28.99 24.98
CA GLU A 393 4.00 28.14 24.15
C GLU A 393 4.89 27.50 23.10
N ILE A 394 4.81 26.16 23.00
CA ILE A 394 5.58 25.41 22.03
C ILE A 394 4.62 24.63 21.14
N GLU A 395 5.20 24.03 20.11
CA GLU A 395 4.53 23.09 19.22
C GLU A 395 5.29 21.78 19.28
N HIS A 396 4.56 20.66 19.34
CA HIS A 396 5.20 19.37 19.40
C HIS A 396 4.31 18.30 18.77
N SER A 397 4.94 17.22 18.34
CA SER A 397 4.19 16.13 17.71
C SER A 397 3.51 15.32 18.81
N TYR A 398 2.18 15.18 18.70
CA TYR A 398 1.40 14.69 19.82
C TYR A 398 0.40 13.63 19.36
N PRO A 399 0.20 12.57 20.14
CA PRO A 399 -0.67 11.47 19.69
C PRO A 399 -2.15 11.86 19.73
N HIS A 400 -2.85 11.58 18.63
CA HIS A 400 -4.29 11.79 18.53
C HIS A 400 -5.01 10.48 18.19
N CYS A 401 -6.27 10.42 18.57
CA CYS A 401 -7.10 9.25 18.29
C CYS A 401 -7.35 9.15 16.79
N TRP A 402 -7.15 7.95 16.22
CA TRP A 402 -7.23 7.81 14.76
C TRP A 402 -8.62 8.10 14.19
N ARG A 403 -9.70 7.97 14.98
CA ARG A 403 -11.04 8.21 14.43
C ARG A 403 -11.75 9.43 15.01
N THR A 404 -11.57 9.74 16.30
CA THR A 404 -12.17 10.97 16.83
C THR A 404 -11.30 12.20 16.55
N HIS A 405 -10.04 12.00 16.18
CA HIS A 405 -9.03 13.02 15.90
C HIS A 405 -8.76 13.93 17.08
N LYS A 406 -9.18 13.51 18.30
CA LYS A 406 -8.91 14.28 19.50
C LYS A 406 -7.60 13.81 20.13
N PRO A 407 -6.91 14.71 20.83
CA PRO A 407 -5.67 14.31 21.49
C PRO A 407 -5.97 13.24 22.52
N VAL A 408 -5.06 12.29 22.64
CA VAL A 408 -5.21 11.29 23.69
C VAL A 408 -4.50 11.80 24.94
N ILE A 409 -4.72 11.11 26.06
CA ILE A 409 -3.95 11.28 27.27
C ILE A 409 -3.45 9.91 27.70
N TYR A 410 -2.76 9.85 28.84
CA TYR A 410 -2.33 8.58 29.42
C TYR A 410 -3.00 8.41 30.77
N ARG A 411 -3.52 7.21 31.02
CA ARG A 411 -4.21 6.88 32.26
C ARG A 411 -3.73 5.51 32.74
N ALA A 412 -3.32 5.43 34.00
CA ALA A 412 -3.05 4.13 34.61
C ALA A 412 -4.33 3.32 34.64
N THR A 413 -4.30 2.13 34.05
CA THR A 413 -5.51 1.32 33.94
C THR A 413 -5.11 -0.13 33.76
N THR A 414 -6.04 -1.02 34.10
CA THR A 414 -5.80 -2.45 33.99
C THR A 414 -6.34 -2.93 32.64
N GLN A 415 -5.45 -3.45 31.79
CA GLN A 415 -5.83 -3.88 30.46
C GLN A 415 -5.17 -5.21 30.13
N TRP A 416 -5.56 -5.78 28.99
CA TRP A 416 -5.05 -7.05 28.51
C TRP A 416 -4.01 -6.81 27.41
N PHE A 417 -2.90 -7.57 27.50
CA PHE A 417 -1.76 -7.40 26.62
C PHE A 417 -1.27 -8.73 26.05
N ILE A 418 -0.76 -8.66 24.81
CA ILE A 418 0.15 -9.66 24.28
C ILE A 418 1.57 -9.22 24.61
N LEU A 419 2.29 -10.04 25.36
CA LEU A 419 3.64 -9.70 25.80
C LEU A 419 4.69 -10.03 24.74
N MET A 420 5.68 -9.11 24.59
CA MET A 420 6.72 -9.22 23.56
C MET A 420 8.01 -9.88 24.03
N ASP A 421 8.29 -9.80 25.34
CA ASP A 421 9.53 -10.29 25.91
C ASP A 421 9.29 -11.40 26.93
N GLU A 422 8.19 -12.14 26.75
CA GLU A 422 7.86 -13.27 27.59
C GLU A 422 8.18 -14.57 26.87
N PRO A 423 9.18 -15.34 27.30
CA PRO A 423 9.47 -16.62 26.64
C PRO A 423 8.24 -17.52 26.59
N PHE A 424 8.03 -18.15 25.44
CA PHE A 424 6.94 -19.10 25.31
C PHE A 424 7.43 -20.32 24.53
N ILE A 425 6.68 -21.40 24.71
CA ILE A 425 7.06 -22.67 24.09
C ILE A 425 6.77 -22.60 22.60
N GLN A 426 7.81 -22.84 21.81
CA GLN A 426 7.73 -22.88 20.35
C GLN A 426 7.11 -24.20 19.89
N ASN A 427 6.61 -24.19 18.65
CA ASN A 427 5.99 -25.39 18.12
C ASN A 427 7.01 -26.52 17.99
N ASP A 428 8.28 -26.20 17.81
CA ASP A 428 9.31 -27.22 17.72
C ASP A 428 9.88 -27.63 19.08
N GLY A 429 9.38 -27.05 20.18
CA GLY A 429 9.82 -27.42 21.51
C GLY A 429 10.85 -26.50 22.14
N SER A 430 11.43 -25.57 21.37
CA SER A 430 12.37 -24.61 21.93
C SER A 430 11.63 -23.49 22.66
N GLN A 431 12.39 -22.57 23.24
CA GLN A 431 11.85 -21.48 24.05
C GLN A 431 12.36 -20.15 23.53
N LYS A 432 11.43 -19.24 23.21
CA LYS A 432 11.76 -17.95 22.60
C LYS A 432 10.69 -16.93 22.97
N THR A 433 11.07 -15.65 22.94
CA THR A 433 10.12 -14.56 23.08
C THR A 433 9.51 -14.20 21.73
N LEU A 434 8.36 -13.55 21.78
CA LEU A 434 7.68 -13.15 20.56
C LEU A 434 8.51 -12.15 19.76
N ARG A 435 9.22 -11.26 20.46
CA ARG A 435 10.10 -10.34 19.76
C ARG A 435 11.18 -11.10 18.98
N GLU A 436 11.77 -12.11 19.61
CA GLU A 436 12.81 -12.91 18.95
C GLU A 436 12.24 -13.65 17.76
N VAL A 437 11.07 -14.28 17.93
CA VAL A 437 10.45 -15.02 16.84
C VAL A 437 10.11 -14.08 15.66
N ALA A 438 9.55 -12.90 15.97
CA ALA A 438 9.15 -11.97 14.91
C ALA A 438 10.36 -11.45 14.13
N LEU A 439 11.46 -11.15 14.83
CA LEU A 439 12.68 -10.73 14.13
C LEU A 439 13.22 -11.85 13.25
N ASP A 440 13.27 -13.08 13.78
CA ASP A 440 13.68 -14.22 12.94
C ASP A 440 12.78 -14.37 11.72
N ALA A 441 11.46 -14.21 11.92
CA ALA A 441 10.50 -14.42 10.83
C ALA A 441 10.65 -13.36 9.75
N ILE A 442 10.92 -12.11 10.15
CA ILE A 442 11.08 -11.03 9.16
C ILE A 442 12.19 -11.34 8.17
N GLU A 443 13.25 -12.03 8.62
CA GLU A 443 14.38 -12.33 7.73
C GLU A 443 14.01 -13.32 6.65
N LYS A 444 12.97 -14.10 6.84
CA LYS A 444 12.58 -15.06 5.82
C LYS A 444 11.57 -14.49 4.82
N VAL A 445 11.14 -13.23 5.00
CA VAL A 445 10.18 -12.61 4.10
C VAL A 445 10.93 -11.77 3.06
N GLU A 446 10.45 -11.82 1.83
CA GLU A 446 10.90 -10.95 0.73
C GLU A 446 10.07 -9.67 0.74
N PHE A 447 10.74 -8.52 0.77
CA PHE A 447 10.07 -7.22 0.74
C PHE A 447 10.38 -6.52 -0.57
N VAL A 448 9.35 -5.95 -1.18
CA VAL A 448 9.47 -5.21 -2.44
C VAL A 448 8.83 -3.84 -2.23
N PRO A 449 9.63 -2.75 -2.10
CA PRO A 449 11.09 -2.68 -2.17
C PRO A 449 11.75 -3.30 -0.93
N SER A 450 13.03 -3.66 -1.05
CA SER A 450 13.71 -4.35 0.05
C SER A 450 13.86 -3.47 1.28
N SER A 451 13.84 -2.15 1.10
CA SER A 451 13.85 -1.22 2.21
C SER A 451 12.69 -1.43 3.18
N GLY A 452 11.59 -2.04 2.74
CA GLY A 452 10.49 -2.25 3.67
C GLY A 452 10.84 -3.18 4.82
N LYS A 453 11.84 -4.05 4.62
CA LYS A 453 12.24 -4.99 5.65
C LYS A 453 12.74 -4.28 6.90
N ASN A 454 13.67 -3.33 6.72
CA ASN A 454 14.19 -2.57 7.85
C ASN A 454 13.12 -1.70 8.51
N ARG A 455 12.13 -1.24 7.75
CA ARG A 455 11.05 -0.48 8.35
C ARG A 455 10.26 -1.34 9.34
N LEU A 456 9.87 -2.55 8.91
CA LEU A 456 9.12 -3.41 9.82
C LEU A 456 10.00 -3.93 10.95
N LYS A 457 11.23 -4.31 10.62
CA LYS A 457 12.18 -4.77 11.64
C LYS A 457 12.38 -3.75 12.74
N THR A 458 12.59 -2.48 12.36
CA THR A 458 12.83 -1.46 13.37
C THR A 458 11.61 -1.30 14.29
N MET A 459 10.40 -1.40 13.74
CA MET A 459 9.20 -1.32 14.57
C MET A 459 9.13 -2.50 15.55
N ILE A 460 9.47 -3.72 15.09
CA ILE A 460 9.42 -4.87 16.00
C ILE A 460 10.48 -4.75 17.10
N GLU A 461 11.69 -4.29 16.74
CA GLU A 461 12.75 -4.08 17.74
C GLU A 461 12.30 -3.15 18.84
N ASN A 462 11.54 -2.11 18.50
CA ASN A 462 11.22 -1.03 19.43
C ASN A 462 9.84 -1.12 20.05
N ARG A 463 9.00 -2.10 19.65
CA ARG A 463 7.62 -1.98 20.07
C ARG A 463 7.39 -2.49 21.50
N PRO A 464 6.39 -1.93 22.19
CA PRO A 464 6.06 -2.38 23.54
C PRO A 464 5.09 -3.55 23.50
N ASP A 465 4.69 -4.02 24.67
CA ASP A 465 3.59 -4.97 24.75
C ASP A 465 2.35 -4.39 24.07
N TRP A 466 1.56 -5.26 23.47
CA TRP A 466 0.42 -4.87 22.65
C TRP A 466 -0.85 -4.86 23.49
N CYS A 467 -1.39 -3.68 23.77
CA CYS A 467 -2.68 -3.60 24.46
C CYS A 467 -3.81 -4.02 23.53
N LEU A 468 -4.55 -5.07 23.93
CA LEU A 468 -5.60 -5.69 23.11
C LEU A 468 -7.01 -5.25 23.48
N SER A 469 -7.24 -4.78 24.71
CA SER A 469 -8.59 -4.61 25.23
C SER A 469 -9.09 -3.20 25.00
N ARG A 470 -10.29 -3.11 24.41
CA ARG A 470 -10.93 -1.84 24.07
C ARG A 470 -12.28 -1.78 24.76
N GLN A 471 -12.77 -0.56 25.03
CA GLN A 471 -13.97 -0.38 25.85
C GLN A 471 -15.19 -0.01 25.02
N ARG A 472 -15.21 -0.41 23.74
CA ARG A 472 -16.33 -0.22 22.85
C ARG A 472 -17.08 -1.54 22.69
N LYS A 473 -18.15 -1.51 21.90
CA LYS A 473 -19.05 -2.64 21.80
C LYS A 473 -18.98 -3.36 20.45
N TRP A 474 -18.53 -2.70 19.38
CA TRP A 474 -18.53 -3.29 18.04
C TRP A 474 -17.19 -3.96 17.79
N GLY A 475 -17.16 -5.26 18.06
CA GLY A 475 -15.96 -6.05 17.88
C GLY A 475 -16.13 -7.40 18.54
N VAL A 476 -15.05 -8.18 18.51
CA VAL A 476 -15.03 -9.51 19.11
C VAL A 476 -14.63 -9.38 20.57
N PRO A 477 -15.44 -9.84 21.52
CA PRO A 477 -15.06 -9.73 22.95
C PRO A 477 -13.87 -10.61 23.31
N LEU A 478 -13.09 -10.14 24.29
CA LEU A 478 -12.09 -11.00 24.93
C LEU A 478 -12.87 -11.93 25.86
N ALA A 479 -13.47 -12.95 25.24
CA ALA A 479 -14.59 -13.68 25.83
C ALA A 479 -14.08 -14.77 26.78
N PHE A 480 -13.49 -14.32 27.90
CA PHE A 480 -13.08 -15.20 28.98
C PHE A 480 -13.82 -14.81 30.27
N PHE A 481 -13.90 -15.78 31.17
CA PHE A 481 -14.45 -15.56 32.49
C PHE A 481 -13.30 -15.40 33.47
N ILE A 482 -13.50 -14.55 34.45
CA ILE A 482 -12.63 -14.48 35.60
C ILE A 482 -13.26 -15.35 36.68
N ASP A 483 -12.49 -16.28 37.21
CA ASP A 483 -12.95 -17.02 38.38
C ASP A 483 -12.75 -16.14 39.61
N LYS A 484 -13.85 -15.77 40.27
CA LYS A 484 -13.73 -14.96 41.48
C LYS A 484 -12.98 -15.71 42.59
N ARG A 485 -13.08 -17.04 42.61
CA ARG A 485 -12.34 -17.81 43.61
C ARG A 485 -10.83 -17.65 43.45
N THR A 486 -10.36 -17.33 42.24
CA THR A 486 -8.94 -17.17 41.95
C THR A 486 -8.52 -15.77 41.54
N ASN A 487 -9.46 -14.89 41.14
CA ASN A 487 -9.16 -13.60 40.52
C ASN A 487 -8.34 -13.75 39.24
N LYS A 488 -8.38 -14.91 38.60
CA LYS A 488 -7.62 -15.18 37.39
C LYS A 488 -8.55 -15.68 36.29
N PRO A 489 -8.17 -15.47 35.02
CA PRO A 489 -9.05 -15.92 33.94
C PRO A 489 -9.06 -17.44 33.80
N CYS A 490 -10.17 -17.95 33.29
CA CYS A 490 -10.34 -19.37 33.02
C CYS A 490 -9.93 -19.66 31.57
N PHE A 491 -8.84 -20.41 31.39
CA PHE A 491 -8.37 -20.79 30.07
C PHE A 491 -8.56 -22.28 29.81
N GLU A 492 -9.47 -22.91 30.53
CA GLU A 492 -9.75 -24.32 30.34
C GLU A 492 -10.29 -24.57 28.94
N SER A 493 -9.72 -25.56 28.25
CA SER A 493 -10.07 -25.81 26.86
C SER A 493 -11.56 -26.09 26.69
N GLU A 494 -12.17 -26.81 27.63
CA GLU A 494 -13.60 -27.12 27.48
C GLU A 494 -14.45 -25.85 27.49
N VAL A 495 -14.09 -24.89 28.34
CA VAL A 495 -14.82 -23.63 28.41
C VAL A 495 -14.62 -22.82 27.14
N LEU A 496 -13.35 -22.71 26.69
CA LEU A 496 -13.01 -21.86 25.55
C LEU A 496 -13.62 -22.38 24.25
N GLU A 497 -13.57 -23.70 24.03
CA GLU A 497 -14.14 -24.22 22.80
C GLU A 497 -15.67 -24.20 22.84
N HIS A 498 -16.26 -24.22 24.03
CA HIS A 498 -17.71 -24.10 24.13
C HIS A 498 -18.17 -22.71 23.68
N VAL A 499 -17.47 -21.68 24.15
CA VAL A 499 -17.75 -20.31 23.72
C VAL A 499 -17.45 -20.15 22.23
N ALA A 500 -16.31 -20.68 21.76
CA ALA A 500 -15.97 -20.54 20.33
C ALA A 500 -17.04 -21.15 19.44
N ASN A 501 -17.59 -22.30 19.84
CA ASN A 501 -18.61 -22.96 19.02
C ASN A 501 -19.92 -22.16 19.02
N LEU A 502 -20.27 -21.57 20.17
CA LEU A 502 -21.42 -20.66 20.20
C LEU A 502 -21.23 -19.50 19.23
N PHE A 503 -20.05 -18.87 19.29
CA PHE A 503 -19.75 -17.77 18.36
C PHE A 503 -19.87 -18.23 16.91
N GLU A 504 -19.34 -19.42 16.60
CA GLU A 504 -19.37 -19.89 15.21
C GLU A 504 -20.80 -20.00 14.68
N LYS A 505 -21.74 -20.43 15.52
CA LYS A 505 -23.13 -20.67 15.15
C LYS A 505 -24.01 -19.43 15.29
N LYS A 506 -23.80 -18.62 16.33
CA LYS A 506 -24.68 -17.49 16.64
C LYS A 506 -24.01 -16.12 16.59
N GLY A 507 -22.68 -16.07 16.51
CA GLY A 507 -21.98 -14.80 16.59
C GLY A 507 -21.79 -14.32 18.01
N CYS A 508 -21.10 -13.17 18.15
CA CYS A 508 -20.70 -12.71 19.47
C CYS A 508 -21.79 -11.96 20.23
N ASP A 509 -22.95 -11.69 19.62
CA ASP A 509 -24.05 -11.07 20.37
C ASP A 509 -24.35 -11.83 21.66
N VAL A 510 -24.19 -13.17 21.62
CA VAL A 510 -24.56 -14.01 22.76
C VAL A 510 -23.72 -13.69 24.00
N TRP A 511 -22.49 -13.19 23.81
CA TRP A 511 -21.66 -12.86 24.96
C TRP A 511 -22.28 -11.76 25.80
N TRP A 512 -22.99 -10.82 25.17
CA TRP A 512 -23.75 -9.82 25.91
C TRP A 512 -25.10 -10.38 26.37
N GLU A 513 -25.76 -11.17 25.52
CA GLU A 513 -27.14 -11.54 25.77
C GLU A 513 -27.26 -12.68 26.77
N TYR A 514 -26.41 -13.70 26.66
CA TYR A 514 -26.57 -14.90 27.46
C TYR A 514 -26.12 -14.68 28.91
N SER A 515 -26.72 -15.44 29.82
CA SER A 515 -26.20 -15.46 31.18
C SER A 515 -24.85 -16.19 31.19
N VAL A 516 -24.08 -15.97 32.26
CA VAL A 516 -22.84 -16.74 32.47
C VAL A 516 -23.14 -18.23 32.39
N LYS A 517 -24.22 -18.67 33.03
CA LYS A 517 -24.54 -20.09 33.03
C LYS A 517 -24.79 -20.61 31.61
N ASP A 518 -25.52 -19.84 30.80
CA ASP A 518 -25.79 -20.27 29.44
C ASP A 518 -24.55 -20.28 28.56
N LEU A 519 -23.48 -19.61 28.97
CA LEU A 519 -22.23 -19.53 28.21
C LEU A 519 -21.18 -20.53 28.66
N LEU A 520 -21.50 -21.36 29.65
CA LEU A 520 -20.58 -22.35 30.20
C LEU A 520 -20.97 -23.76 29.76
N PRO A 521 -20.01 -24.67 29.62
CA PRO A 521 -20.34 -26.08 29.35
C PRO A 521 -21.19 -26.65 30.48
N PRO A 522 -22.00 -27.69 30.21
CA PRO A 522 -22.86 -28.23 31.27
C PRO A 522 -22.08 -28.65 32.51
N SER A 523 -20.85 -29.13 32.34
CA SER A 523 -19.97 -29.50 33.44
C SER A 523 -19.69 -28.37 34.43
N TYR A 524 -19.79 -27.11 34.01
CA TYR A 524 -19.42 -25.98 34.85
C TYR A 524 -20.61 -25.20 35.40
N GLN A 525 -21.83 -25.47 34.92
CA GLN A 525 -22.95 -24.57 35.20
C GLN A 525 -23.29 -24.53 36.69
N GLU A 526 -23.01 -25.61 37.43
CA GLU A 526 -23.19 -25.57 38.88
C GLU A 526 -22.27 -24.53 39.53
N ASP A 527 -21.16 -24.17 38.88
CA ASP A 527 -20.23 -23.20 39.43
C ASP A 527 -20.31 -21.86 38.70
N ALA A 528 -21.45 -21.55 38.10
CA ALA A 528 -21.59 -20.33 37.31
C ALA A 528 -21.51 -19.08 38.16
N LYS A 529 -21.91 -19.17 39.44
CA LYS A 529 -21.86 -18.02 40.32
C LYS A 529 -20.44 -17.55 40.59
N HIS A 530 -19.44 -18.39 40.32
CA HIS A 530 -18.04 -18.05 40.59
C HIS A 530 -17.36 -17.33 39.42
N TYR A 531 -18.04 -17.18 38.30
CA TYR A 531 -17.42 -16.66 37.08
C TYR A 531 -18.07 -15.35 36.69
N GLU A 532 -17.26 -14.40 36.22
CA GLU A 532 -17.78 -13.17 35.65
C GLU A 532 -17.12 -12.90 34.30
N LYS A 533 -17.90 -12.35 33.38
CA LYS A 533 -17.41 -12.08 32.02
C LYS A 533 -16.47 -10.88 31.96
N ILE A 534 -15.39 -11.05 31.22
CA ILE A 534 -14.66 -9.91 30.68
C ILE A 534 -15.46 -9.35 29.51
N MET A 535 -15.69 -8.03 29.52
CA MET A 535 -16.52 -7.44 28.47
C MET A 535 -15.74 -6.58 27.49
N HIS A 536 -14.43 -6.40 27.69
CA HIS A 536 -13.63 -5.71 26.69
C HIS A 536 -13.69 -6.43 25.35
N ILE A 537 -13.51 -5.65 24.28
CA ILE A 537 -13.43 -6.22 22.94
C ILE A 537 -12.01 -6.07 22.42
N LEU A 538 -11.74 -6.83 21.36
CA LEU A 538 -10.42 -6.89 20.78
C LEU A 538 -10.13 -5.68 19.90
N ASP A 539 -8.92 -5.15 20.03
CA ASP A 539 -8.34 -4.26 19.03
C ASP A 539 -8.66 -4.77 17.63
N VAL A 540 -9.17 -3.88 16.78
CA VAL A 540 -9.54 -4.30 15.43
C VAL A 540 -8.31 -4.68 14.63
N TRP A 541 -7.13 -4.23 15.05
CA TRP A 541 -5.89 -4.68 14.42
C TRP A 541 -5.56 -6.13 14.78
N PHE A 542 -6.11 -6.64 15.88
CA PHE A 542 -6.06 -8.08 16.10
C PHE A 542 -7.01 -8.82 15.16
N ASP A 543 -8.22 -8.29 14.93
CA ASP A 543 -9.10 -8.86 13.91
C ASP A 543 -8.35 -9.05 12.58
N SER A 544 -7.82 -7.95 12.05
CA SER A 544 -7.22 -8.03 10.73
C SER A 544 -5.91 -8.81 10.77
N GLY A 545 -5.18 -8.72 11.89
CA GLY A 545 -4.02 -9.57 12.09
C GLY A 545 -4.30 -11.07 12.01
N SER A 546 -5.54 -11.46 12.29
CA SER A 546 -5.98 -12.85 12.28
C SER A 546 -6.56 -13.33 10.94
N THR A 547 -6.55 -12.49 9.89
CA THR A 547 -7.20 -12.91 8.65
C THR A 547 -6.53 -14.14 8.05
N PHE A 548 -5.20 -14.26 8.17
CA PHE A 548 -4.55 -15.46 7.64
C PHE A 548 -5.15 -16.71 8.26
N LYS A 549 -5.44 -16.67 9.55
CA LYS A 549 -6.00 -17.84 10.23
C LYS A 549 -7.44 -18.09 9.79
N ALA A 550 -8.26 -17.04 9.80
CA ALA A 550 -9.67 -17.14 9.48
C ALA A 550 -9.94 -17.49 8.02
N VAL A 551 -9.06 -17.07 7.11
CA VAL A 551 -9.29 -17.23 5.66
C VAL A 551 -8.46 -18.35 5.06
N LEU A 552 -7.14 -18.28 5.27
CA LEU A 552 -6.23 -19.26 4.66
C LEU A 552 -6.25 -20.59 5.42
N GLU A 553 -6.16 -20.53 6.75
CA GLU A 553 -6.03 -21.75 7.53
C GLU A 553 -7.38 -22.43 7.78
N ASP A 554 -8.38 -21.66 8.23
CA ASP A 554 -9.67 -22.26 8.62
C ASP A 554 -10.47 -22.78 7.44
N TYR A 555 -10.16 -22.36 6.21
CA TYR A 555 -10.80 -22.95 5.03
C TYR A 555 -9.89 -23.96 4.34
N HIS A 556 -8.78 -24.33 4.97
CA HIS A 556 -7.94 -25.45 4.56
C HIS A 556 -7.45 -25.34 3.13
N GLY A 557 -7.07 -24.14 2.72
CA GLY A 557 -6.52 -23.92 1.40
C GLY A 557 -7.53 -23.60 0.30
N GLU A 558 -8.84 -23.72 0.57
CA GLU A 558 -9.84 -23.45 -0.47
C GLU A 558 -9.81 -21.97 -0.91
N LYS A 559 -9.30 -21.10 -0.06
CA LYS A 559 -9.16 -19.68 -0.35
C LYS A 559 -7.70 -19.26 -0.43
N GLY A 560 -6.79 -20.22 -0.52
CA GLY A 560 -5.37 -19.93 -0.55
C GLY A 560 -4.57 -20.55 0.57
N GLN A 561 -3.26 -20.67 0.37
CA GLN A 561 -2.37 -21.29 1.33
C GLN A 561 -1.90 -20.31 2.39
N SER A 562 -1.56 -20.86 3.55
CA SER A 562 -0.85 -20.18 4.62
C SER A 562 0.54 -20.80 4.74
N PRO A 563 1.63 -20.03 4.63
CA PRO A 563 1.65 -18.59 4.37
C PRO A 563 1.24 -18.24 2.93
N SER A 564 0.70 -17.04 2.74
CA SER A 564 0.36 -16.58 1.40
C SER A 564 1.64 -16.38 0.58
N ASP A 565 1.48 -16.40 -0.76
CA ASP A 565 2.63 -16.08 -1.62
C ASP A 565 2.92 -14.57 -1.62
N VAL A 566 1.88 -13.74 -1.58
CA VAL A 566 2.04 -12.28 -1.68
C VAL A 566 0.97 -11.60 -0.83
N ILE A 567 1.36 -10.53 -0.14
CA ILE A 567 0.43 -9.49 0.28
C ILE A 567 0.95 -8.17 -0.28
N LEU A 568 0.02 -7.26 -0.54
CA LEU A 568 0.31 -6.04 -1.28
C LEU A 568 -0.55 -4.93 -0.67
N GLU A 569 0.10 -3.98 0.01
CA GLU A 569 -0.65 -2.92 0.68
C GLU A 569 0.20 -1.65 0.74
N GLY A 570 -0.42 -0.59 1.25
CA GLY A 570 0.32 0.65 1.47
C GLY A 570 1.49 0.47 2.41
N SER A 571 2.54 1.26 2.18
CA SER A 571 3.65 1.21 3.11
C SER A 571 3.26 1.74 4.49
N ASP A 572 2.08 2.37 4.62
CA ASP A 572 1.60 2.67 5.95
C ASP A 572 1.16 1.42 6.73
N GLN A 573 1.16 0.24 6.12
CA GLN A 573 0.73 -0.96 6.83
C GLN A 573 1.85 -1.66 7.61
N HIS A 574 3.10 -1.18 7.50
CA HIS A 574 4.14 -1.63 8.42
C HIS A 574 3.72 -1.33 9.86
N ARG A 575 3.14 -0.16 10.09
CA ARG A 575 2.60 0.20 11.39
C ARG A 575 1.30 -0.54 11.70
N GLY A 576 0.67 -1.13 10.69
CA GLY A 576 -0.66 -1.69 10.82
C GLY A 576 -0.74 -3.18 10.55
N TRP A 577 -1.31 -3.54 9.39
CA TRP A 577 -1.69 -4.94 9.16
C TRP A 577 -0.47 -5.87 9.06
N PHE A 578 0.62 -5.40 8.43
CA PHE A 578 1.81 -6.24 8.35
C PHE A 578 2.25 -6.67 9.76
N GLN A 579 2.26 -5.73 10.68
CA GLN A 579 2.78 -6.00 12.02
C GLN A 579 1.81 -6.87 12.83
N SER A 580 0.52 -6.58 12.78
CA SER A 580 -0.43 -7.40 13.55
C SER A 580 -0.49 -8.83 13.01
N SER A 581 -0.51 -8.99 11.69
CA SER A 581 -0.46 -10.32 11.09
C SER A 581 0.87 -11.02 11.37
N LEU A 582 1.97 -10.27 11.40
CA LEU A 582 3.26 -10.88 11.71
C LEU A 582 3.28 -11.44 13.14
N LEU A 583 2.81 -10.64 14.10
CA LEU A 583 2.83 -11.05 15.51
C LEU A 583 1.93 -12.25 15.76
N ILE A 584 0.70 -12.22 15.23
CA ILE A 584 -0.21 -13.32 15.47
C ILE A 584 0.26 -14.58 14.75
N GLY A 585 0.73 -14.44 13.50
CA GLY A 585 1.36 -15.55 12.83
C GLY A 585 2.50 -16.16 13.62
N CYS A 586 3.34 -15.31 14.23
CA CYS A 586 4.47 -15.81 14.99
C CYS A 586 4.04 -16.52 16.27
N VAL A 587 2.92 -16.13 16.89
CA VAL A 587 2.44 -16.90 18.04
C VAL A 587 1.91 -18.27 17.59
N LEU A 588 1.07 -18.29 16.56
CA LEU A 588 0.41 -19.53 16.16
C LEU A 588 1.38 -20.49 15.46
N ASN A 589 2.14 -19.97 14.48
CA ASN A 589 2.97 -20.77 13.61
C ASN A 589 4.46 -20.53 13.76
N ASN A 590 4.87 -19.55 14.58
CA ASN A 590 6.28 -19.17 14.73
C ASN A 590 6.89 -18.75 13.39
N GLN A 591 6.07 -18.22 12.48
CA GLN A 591 6.58 -17.61 11.26
C GLN A 591 5.57 -16.59 10.75
N ALA A 592 6.03 -15.75 9.82
CA ALA A 592 5.12 -14.81 9.20
C ALA A 592 4.09 -15.58 8.37
N PRO A 593 2.84 -15.10 8.31
CA PRO A 593 1.82 -15.73 7.46
C PRO A 593 1.84 -15.30 6.00
N PHE A 594 2.91 -14.64 5.57
CA PHE A 594 3.12 -14.21 4.19
C PHE A 594 4.58 -14.48 3.82
N LYS A 595 4.81 -14.82 2.55
CA LYS A 595 6.18 -15.01 2.07
C LYS A 595 6.78 -13.73 1.53
N LYS A 596 5.94 -12.79 1.14
CA LYS A 596 6.38 -11.65 0.35
C LYS A 596 5.43 -10.50 0.57
N VAL A 597 6.01 -9.30 0.65
CA VAL A 597 5.29 -8.06 0.90
C VAL A 597 5.66 -7.11 -0.22
N ILE A 598 4.66 -6.67 -0.98
CA ILE A 598 4.82 -5.58 -1.96
C ILE A 598 4.11 -4.35 -1.42
N THR A 599 4.82 -3.20 -1.42
CA THR A 599 4.17 -1.97 -0.94
C THR A 599 4.04 -0.91 -2.04
N HIS A 600 3.08 -0.02 -1.81
CA HIS A 600 2.86 1.15 -2.66
C HIS A 600 2.73 2.39 -1.78
N GLY A 601 2.80 3.56 -2.43
CA GLY A 601 2.66 4.83 -1.77
C GLY A 601 1.22 5.30 -1.66
N PHE A 602 1.07 6.58 -1.34
CA PHE A 602 -0.24 7.23 -1.28
C PHE A 602 -0.55 7.91 -2.61
N ILE A 603 -1.84 7.99 -2.89
CA ILE A 603 -2.35 8.91 -3.92
C ILE A 603 -2.35 10.31 -3.32
N VAL A 604 -1.67 11.25 -3.98
CA VAL A 604 -1.59 12.62 -3.49
C VAL A 604 -1.93 13.60 -4.60
N ASP A 605 -2.02 14.87 -4.22
CA ASP A 605 -2.40 15.87 -5.21
C ASP A 605 -1.19 16.29 -6.05
N GLU A 606 -1.45 17.27 -6.92
CA GLU A 606 -0.44 17.76 -7.83
C GLU A 606 0.80 18.29 -7.10
N LYS A 607 0.63 18.78 -5.88
CA LYS A 607 1.73 19.30 -5.09
C LYS A 607 2.35 18.26 -4.17
N GLY A 608 1.92 17.01 -4.26
CA GLY A 608 2.43 15.98 -3.39
C GLY A 608 1.73 15.88 -2.05
N GLU A 609 0.68 16.65 -1.82
CA GLU A 609 0.00 16.73 -0.54
C GLU A 609 -1.18 15.78 -0.48
N LYS A 610 -1.49 15.32 0.73
CA LYS A 610 -2.62 14.41 0.92
C LYS A 610 -3.94 15.13 0.64
N MET A 611 -4.88 14.35 0.10
CA MET A 611 -6.21 14.87 -0.23
C MET A 611 -7.12 14.78 0.99
N SER A 612 -7.74 15.90 1.35
CA SER A 612 -8.72 15.89 2.43
C SER A 612 -9.81 16.91 2.14
N LYS A 613 -10.98 16.69 2.74
CA LYS A 613 -12.11 17.61 2.54
C LYS A 613 -11.80 18.98 3.12
N SER A 614 -11.08 19.03 4.23
CA SER A 614 -10.70 20.32 4.82
C SER A 614 -9.73 21.11 3.94
N LYS A 615 -9.13 20.47 2.94
CA LYS A 615 -8.23 21.15 2.01
C LYS A 615 -8.89 21.51 0.69
N GLY A 616 -9.92 20.79 0.26
CA GLY A 616 -10.53 21.06 -1.03
C GLY A 616 -9.77 20.51 -2.21
N ASN A 617 -8.84 19.57 -1.97
CA ASN A 617 -8.03 18.99 -3.03
C ASN A 617 -8.42 17.55 -3.35
N VAL A 618 -9.65 17.15 -3.01
CA VAL A 618 -10.06 15.76 -3.20
C VAL A 618 -10.51 15.55 -4.64
N VAL A 619 -9.92 14.55 -5.29
CA VAL A 619 -10.39 14.07 -6.59
C VAL A 619 -11.16 12.79 -6.34
N SER A 620 -12.42 12.73 -6.80
CA SER A 620 -13.21 11.53 -6.56
C SER A 620 -12.78 10.44 -7.54
N LEU A 621 -12.80 9.19 -7.05
CA LEU A 621 -12.54 8.06 -7.94
C LEU A 621 -13.54 8.05 -9.09
N ASP A 622 -14.82 8.32 -8.82
CA ASP A 622 -15.82 8.35 -9.88
C ASP A 622 -15.47 9.38 -10.94
N LYS A 623 -15.07 10.58 -10.53
CA LYS A 623 -14.72 11.61 -11.51
C LYS A 623 -13.53 11.18 -12.36
N LEU A 624 -12.52 10.56 -11.73
CA LEU A 624 -11.34 10.12 -12.46
C LEU A 624 -11.67 9.02 -13.48
N LEU A 625 -12.49 8.05 -13.08
CA LEU A 625 -12.83 6.98 -14.03
C LEU A 625 -13.69 7.51 -15.18
N LYS A 626 -14.63 8.39 -14.86
CA LYS A 626 -15.50 8.96 -15.90
C LYS A 626 -14.70 9.78 -16.90
N THR A 627 -13.70 10.52 -16.41
CA THR A 627 -12.92 11.40 -17.29
C THR A 627 -12.01 10.61 -18.21
N HIS A 628 -11.30 9.63 -17.65
CA HIS A 628 -10.21 8.93 -18.32
C HIS A 628 -10.53 7.49 -18.70
N GLY A 629 -11.43 6.83 -17.98
CA GLY A 629 -11.63 5.40 -18.22
C GLY A 629 -10.70 4.55 -17.39
N SER A 630 -11.21 3.37 -16.96
CA SER A 630 -10.41 2.56 -16.05
C SER A 630 -9.13 2.04 -16.71
N ASP A 631 -9.14 1.74 -18.01
CA ASP A 631 -7.90 1.24 -18.58
C ASP A 631 -6.82 2.32 -18.56
N VAL A 632 -7.21 3.60 -18.67
CA VAL A 632 -6.23 4.68 -18.55
C VAL A 632 -5.76 4.82 -17.11
N VAL A 633 -6.67 4.73 -16.14
CA VAL A 633 -6.26 4.76 -14.73
C VAL A 633 -5.33 3.60 -14.41
N ARG A 634 -5.65 2.40 -14.93
CA ARG A 634 -4.81 1.24 -14.67
C ARG A 634 -3.42 1.40 -15.29
N LEU A 635 -3.37 1.91 -16.53
CA LEU A 635 -2.10 2.17 -17.17
C LEU A 635 -1.32 3.26 -16.44
N TRP A 636 -2.02 4.25 -15.88
CA TRP A 636 -1.34 5.29 -15.13
C TRP A 636 -0.66 4.71 -13.89
N VAL A 637 -1.34 3.78 -13.21
CA VAL A 637 -0.74 3.10 -12.06
C VAL A 637 0.50 2.32 -12.49
N ALA A 638 0.35 1.45 -13.49
CA ALA A 638 1.42 0.55 -13.91
C ALA A 638 2.61 1.30 -14.49
N PHE A 639 2.36 2.39 -15.22
CA PHE A 639 3.40 3.11 -15.94
C PHE A 639 4.11 4.14 -15.08
N ASN A 640 3.99 4.04 -13.76
CA ASN A 640 4.53 5.04 -12.86
C ASN A 640 5.10 4.35 -11.62
N ASP A 641 5.90 5.10 -10.87
CA ASP A 641 6.65 4.57 -9.74
C ASP A 641 5.71 4.44 -8.53
N TYR A 642 4.92 3.35 -8.51
CA TYR A 642 3.87 3.17 -7.50
C TYR A 642 4.40 2.87 -6.10
N GLN A 643 5.68 2.51 -5.95
CA GLN A 643 6.23 2.32 -4.61
C GLN A 643 6.30 3.62 -3.83
N ASN A 644 6.34 4.75 -4.51
CA ASN A 644 6.33 6.06 -3.90
C ASN A 644 4.98 6.72 -4.20
N ASP A 645 4.76 7.91 -3.62
CA ASP A 645 3.49 8.60 -3.78
C ASP A 645 3.24 8.93 -5.25
N LEU A 646 1.99 8.78 -5.69
CA LEU A 646 1.59 9.09 -7.05
C LEU A 646 0.77 10.37 -7.04
N ARG A 647 1.17 11.33 -7.87
CA ARG A 647 0.52 12.63 -7.90
C ARG A 647 -0.54 12.65 -8.99
N VAL A 648 -1.73 13.13 -8.64
CA VAL A 648 -2.85 13.22 -9.58
C VAL A 648 -2.83 14.60 -10.21
N SER A 649 -2.58 14.66 -11.51
CA SER A 649 -2.63 15.91 -12.24
C SER A 649 -3.11 15.63 -13.66
N GLN A 650 -3.67 16.68 -14.28
CA GLN A 650 -4.06 16.56 -15.70
C GLN A 650 -2.86 16.21 -16.56
N THR A 651 -1.72 16.85 -16.29
CA THR A 651 -0.53 16.62 -17.11
C THR A 651 -0.12 15.16 -17.12
N PHE A 652 -0.17 14.50 -15.96
CA PHE A 652 0.28 13.11 -15.90
C PHE A 652 -0.73 12.18 -16.57
N PHE A 653 -2.03 12.48 -16.45
CA PHE A 653 -3.02 11.62 -17.09
C PHE A 653 -3.03 11.83 -18.60
N THR A 654 -2.76 13.06 -19.05
CA THR A 654 -2.60 13.30 -20.48
C THR A 654 -1.46 12.46 -21.05
N GLN A 655 -0.32 12.41 -20.35
CA GLN A 655 0.78 11.56 -20.79
C GLN A 655 0.36 10.09 -20.86
N THR A 656 -0.40 9.62 -19.88
CA THR A 656 -0.86 8.24 -19.89
C THR A 656 -1.78 7.98 -21.09
N GLU A 657 -2.69 8.91 -21.35
CA GLU A 657 -3.59 8.78 -22.48
C GLU A 657 -2.84 8.68 -23.80
N GLN A 658 -1.71 9.40 -23.92
CA GLN A 658 -0.93 9.30 -25.14
C GLN A 658 -0.28 7.93 -25.27
N HIS A 659 0.17 7.35 -24.15
CA HIS A 659 0.67 5.98 -24.16
C HIS A 659 -0.43 5.01 -24.55
N TYR A 660 -1.60 5.12 -23.91
CA TYR A 660 -2.74 4.26 -24.25
C TYR A 660 -3.06 4.36 -25.73
N LYS A 661 -3.12 5.59 -26.26
CA LYS A 661 -3.39 5.80 -27.68
C LYS A 661 -2.36 5.08 -28.55
N LYS A 662 -1.08 5.20 -28.23
CA LYS A 662 -0.05 4.58 -29.05
C LYS A 662 -0.17 3.06 -29.05
N PHE A 663 -0.38 2.46 -27.88
CA PHE A 663 -0.65 1.03 -27.81
C PHE A 663 -1.87 0.67 -28.65
N ARG A 664 -2.95 1.44 -28.50
CA ARG A 664 -4.21 1.12 -29.18
C ARG A 664 -4.08 1.33 -30.69
N ASN A 665 -3.47 2.43 -31.12
CA ASN A 665 -3.30 2.63 -32.56
C ASN A 665 -2.41 1.55 -33.17
N THR A 666 -1.42 1.07 -32.42
CA THR A 666 -0.56 0.01 -32.92
C THR A 666 -1.35 -1.29 -33.10
N LEU A 667 -2.14 -1.68 -32.09
CA LEU A 667 -2.97 -2.87 -32.21
C LEU A 667 -3.98 -2.74 -33.34
N LYS A 668 -4.59 -1.56 -33.50
CA LYS A 668 -5.47 -1.33 -34.64
C LYS A 668 -4.74 -1.56 -35.96
N PHE A 669 -3.53 -0.98 -36.10
CA PHE A 669 -2.80 -1.14 -37.36
C PHE A 669 -2.50 -2.61 -37.64
N LEU A 670 -2.02 -3.35 -36.64
CA LEU A 670 -1.74 -4.77 -36.82
C LEU A 670 -2.98 -5.53 -37.26
N LEU A 671 -4.08 -5.40 -36.49
CA LEU A 671 -5.32 -6.09 -36.84
C LEU A 671 -5.77 -5.74 -38.25
N ALA A 672 -5.69 -4.46 -38.60
CA ALA A 672 -6.10 -4.02 -39.93
C ALA A 672 -5.29 -4.69 -41.03
N ASN A 673 -4.01 -4.94 -40.78
CA ASN A 673 -3.10 -5.37 -41.82
C ASN A 673 -2.86 -6.89 -41.86
N PHE A 674 -3.48 -7.66 -40.97
CA PHE A 674 -3.62 -9.09 -41.23
C PHE A 674 -5.08 -9.54 -41.30
N SER A 675 -6.02 -8.58 -41.32
CA SER A 675 -7.44 -8.95 -41.38
C SER A 675 -7.78 -9.73 -42.65
N ASP A 676 -7.11 -9.47 -43.78
CA ASP A 676 -7.49 -10.18 -45.00
C ASP A 676 -6.70 -11.47 -45.23
N MET A 677 -5.80 -11.82 -44.31
CA MET A 677 -4.95 -12.99 -44.49
C MET A 677 -5.77 -14.27 -44.50
N ASP A 678 -5.45 -15.17 -45.44
CA ASP A 678 -6.10 -16.47 -45.47
C ASP A 678 -5.58 -17.34 -44.33
N LEU A 679 -6.51 -17.92 -43.57
CA LEU A 679 -6.14 -18.66 -42.36
C LEU A 679 -5.41 -19.96 -42.65
N LYS A 680 -5.41 -20.43 -43.90
CA LYS A 680 -4.54 -21.54 -44.26
C LYS A 680 -3.07 -21.19 -44.11
N ASN A 681 -2.73 -19.89 -44.17
CA ASN A 681 -1.37 -19.45 -43.86
C ASN A 681 -0.94 -19.90 -42.47
N LEU A 682 -1.89 -19.99 -41.54
CA LEU A 682 -1.53 -20.30 -40.16
C LEU A 682 -0.86 -21.67 -40.04
N GLU A 683 -1.25 -22.64 -40.87
CA GLU A 683 -0.72 -23.98 -40.69
C GLU A 683 0.60 -24.20 -41.42
N ARG A 684 0.78 -23.58 -42.59
CA ARG A 684 2.01 -23.86 -43.32
C ARG A 684 3.12 -22.89 -42.92
N PRO A 685 4.38 -23.26 -43.12
CA PRO A 685 5.49 -22.34 -42.85
C PRO A 685 5.62 -21.30 -43.95
N HIS A 686 6.41 -20.27 -43.67
CA HIS A 686 6.65 -19.20 -44.62
C HIS A 686 8.14 -18.93 -44.75
N ASN A 687 8.52 -18.40 -45.91
CA ASN A 687 9.87 -17.91 -46.14
C ASN A 687 9.92 -16.45 -45.69
N PHE A 688 10.50 -16.22 -44.53
CA PHE A 688 10.61 -14.88 -43.97
C PHE A 688 11.87 -14.18 -44.49
N SER A 689 11.74 -12.87 -44.72
CA SER A 689 12.87 -12.08 -45.22
C SER A 689 13.85 -11.81 -44.08
N PRO A 690 15.04 -11.27 -44.39
CA PRO A 690 15.93 -10.85 -43.30
C PRO A 690 15.28 -9.84 -42.37
N LEU A 691 14.56 -8.88 -42.92
CA LEU A 691 13.85 -7.90 -42.09
C LEU A 691 12.77 -8.58 -41.25
N ASP A 692 12.02 -9.52 -41.85
CA ASP A 692 11.07 -10.30 -41.06
C ASP A 692 11.78 -10.95 -39.88
N HIS A 693 12.93 -11.59 -40.15
CA HIS A 693 13.63 -12.30 -39.09
C HIS A 693 14.17 -11.32 -38.05
N PHE A 694 14.69 -10.18 -38.49
CA PHE A 694 15.15 -9.17 -37.55
C PHE A 694 14.04 -8.80 -36.57
N MET A 695 12.81 -8.67 -37.08
CA MET A 695 11.69 -8.28 -36.22
C MET A 695 11.28 -9.42 -35.30
N LEU A 696 11.27 -10.65 -35.81
CA LEU A 696 10.95 -11.79 -34.95
C LEU A 696 12.00 -11.97 -33.86
N GLU A 697 13.28 -11.75 -34.21
CA GLU A 697 14.34 -11.88 -33.23
C GLU A 697 14.30 -10.73 -32.22
N THR A 698 14.06 -9.51 -32.69
CA THR A 698 13.86 -8.38 -31.79
C THR A 698 12.67 -8.61 -30.86
N LEU A 699 11.57 -9.12 -31.40
CA LEU A 699 10.39 -9.37 -30.60
C LEU A 699 10.66 -10.38 -29.50
N GLU A 700 11.44 -11.41 -29.80
CA GLU A 700 11.82 -12.37 -28.77
C GLU A 700 12.67 -11.70 -27.69
N THR A 701 13.66 -10.89 -28.10
CA THR A 701 14.54 -10.28 -27.12
C THR A 701 13.77 -9.31 -26.21
N ILE A 702 12.91 -8.47 -26.78
CA ILE A 702 12.20 -7.53 -25.92
C ILE A 702 11.12 -8.24 -25.08
N SER A 703 10.57 -9.34 -25.59
CA SER A 703 9.59 -10.10 -24.81
C SER A 703 10.21 -10.68 -23.54
N ALA A 704 11.46 -11.17 -23.64
CA ALA A 704 12.16 -11.62 -22.44
C ALA A 704 12.36 -10.48 -21.44
N GLY A 705 12.63 -9.27 -21.95
CA GLY A 705 12.89 -8.13 -21.06
C GLY A 705 11.62 -7.59 -20.41
N VAL A 706 10.52 -7.55 -21.16
CA VAL A 706 9.23 -7.19 -20.56
C VAL A 706 8.87 -8.19 -19.46
N ASN A 707 9.02 -9.48 -19.75
CA ASN A 707 8.64 -10.52 -18.80
C ASN A 707 9.49 -10.44 -17.53
N SER A 708 10.81 -10.31 -17.71
CA SER A 708 11.69 -10.20 -16.54
C SER A 708 11.34 -8.98 -15.70
N ALA A 709 11.08 -7.84 -16.34
CA ALA A 709 10.67 -6.66 -15.58
C ALA A 709 9.34 -6.89 -14.87
N PHE A 710 8.36 -7.47 -15.56
CA PHE A 710 7.06 -7.69 -14.94
C PHE A 710 7.15 -8.70 -13.78
N GLU A 711 8.06 -9.68 -13.89
CA GLU A 711 8.23 -10.68 -12.83
C GLU A 711 8.66 -10.04 -11.51
N GLU A 712 9.47 -8.99 -11.60
CA GLU A 712 9.94 -8.25 -10.45
C GLU A 712 9.03 -7.07 -10.12
N HIS A 713 7.87 -6.99 -10.77
CA HIS A 713 6.83 -6.01 -10.51
C HIS A 713 7.25 -4.60 -10.93
N ASP A 714 8.25 -4.49 -11.79
CA ASP A 714 8.70 -3.19 -12.30
C ASP A 714 7.96 -2.97 -13.62
N PHE A 715 6.69 -2.56 -13.51
CA PHE A 715 5.87 -2.41 -14.71
C PHE A 715 6.33 -1.22 -15.55
N VAL A 716 6.92 -0.20 -14.93
CA VAL A 716 7.49 0.91 -15.68
C VAL A 716 8.59 0.43 -16.61
N LYS A 717 9.53 -0.37 -16.08
CA LYS A 717 10.65 -0.82 -16.90
C LYS A 717 10.15 -1.67 -18.06
N GLY A 718 9.19 -2.55 -17.80
CA GLY A 718 8.66 -3.39 -18.86
C GLY A 718 7.86 -2.63 -19.90
N LEU A 719 7.01 -1.70 -19.44
CA LEU A 719 6.23 -0.89 -20.38
C LEU A 719 7.12 0.01 -21.22
N ASN A 720 8.21 0.51 -20.64
CA ASN A 720 9.15 1.30 -21.41
C ASN A 720 9.83 0.47 -22.49
N ILE A 721 10.18 -0.78 -22.17
CA ILE A 721 10.73 -1.68 -23.19
C ILE A 721 9.70 -1.94 -24.27
N LEU A 722 8.46 -2.25 -23.87
CA LEU A 722 7.41 -2.51 -24.84
C LEU A 722 7.14 -1.29 -25.70
N MET A 723 7.05 -0.11 -25.08
CA MET A 723 6.72 1.09 -25.84
C MET A 723 7.83 1.46 -26.80
N ALA A 724 9.10 1.27 -26.39
CA ALA A 724 10.23 1.55 -27.27
C ALA A 724 10.20 0.65 -28.50
N PHE A 725 9.87 -0.62 -28.29
CA PHE A 725 9.73 -1.54 -29.41
C PHE A 725 8.61 -1.11 -30.35
N VAL A 726 7.43 -0.78 -29.81
CA VAL A 726 6.34 -0.45 -30.72
C VAL A 726 6.64 0.86 -31.44
N THR A 727 7.35 1.79 -30.80
CA THR A 727 7.59 3.11 -31.40
C THR A 727 8.72 3.05 -32.42
N ASN A 728 9.75 2.28 -32.12
CA ASN A 728 10.98 2.37 -32.88
C ASN A 728 11.10 1.23 -33.89
N GLU A 729 11.38 0.01 -33.41
CA GLU A 729 11.57 -1.09 -34.36
C GLU A 729 10.28 -1.42 -35.10
N LEU A 730 9.15 -1.46 -34.39
CA LEU A 730 7.91 -1.83 -35.02
C LEU A 730 7.38 -0.75 -35.95
N SER A 731 6.96 0.39 -35.41
CA SER A 731 6.34 1.42 -36.25
C SER A 731 7.38 2.13 -37.11
N GLY A 732 8.51 2.50 -36.52
CA GLY A 732 9.47 3.32 -37.25
C GLY A 732 10.17 2.59 -38.38
N ILE A 733 10.59 1.34 -38.12
CA ILE A 733 11.39 0.60 -39.10
C ILE A 733 10.51 -0.34 -39.91
N TYR A 734 9.84 -1.28 -39.23
CA TYR A 734 9.20 -2.39 -39.92
C TYR A 734 7.95 -1.97 -40.65
N LEU A 735 7.02 -1.29 -39.95
CA LEU A 735 5.74 -0.97 -40.58
C LEU A 735 5.90 0.06 -41.68
N ASP A 736 6.86 0.98 -41.55
CA ASP A 736 7.13 1.91 -42.64
C ASP A 736 7.69 1.20 -43.86
N ALA A 737 8.65 0.27 -43.63
CA ALA A 737 9.22 -0.52 -44.71
C ALA A 737 8.20 -1.44 -45.37
N CYS A 738 7.21 -1.94 -44.60
CA CYS A 738 6.27 -2.91 -45.13
C CYS A 738 5.00 -2.29 -45.73
N LYS A 739 4.77 -0.98 -45.57
CA LYS A 739 3.48 -0.42 -46.00
C LYS A 739 3.25 -0.61 -47.50
N ASP A 740 4.29 -0.47 -48.32
CA ASP A 740 4.10 -0.65 -49.76
C ASP A 740 3.54 -2.03 -50.07
N SER A 741 4.15 -3.08 -49.50
CA SER A 741 3.72 -4.45 -49.76
C SER A 741 2.32 -4.70 -49.19
N LEU A 742 2.08 -4.24 -47.96
CA LEU A 742 0.79 -4.47 -47.31
C LEU A 742 -0.35 -3.87 -48.11
N TYR A 743 -0.12 -2.69 -48.69
CA TYR A 743 -1.19 -2.00 -49.41
C TYR A 743 -1.16 -2.19 -50.92
N CYS A 744 0.01 -2.41 -51.53
CA CYS A 744 0.12 -2.42 -52.99
C CYS A 744 0.48 -3.77 -53.60
N ASP A 745 1.01 -4.72 -52.81
CA ASP A 745 1.28 -6.04 -53.37
C ASP A 745 -0.01 -6.86 -53.41
N SER A 746 -0.01 -7.90 -54.25
CA SER A 746 -1.17 -8.77 -54.35
C SER A 746 -1.40 -9.51 -53.03
N LYS A 747 -2.67 -9.78 -52.74
CA LYS A 747 -3.01 -10.59 -51.57
C LYS A 747 -2.33 -11.96 -51.63
N ASN A 748 -2.06 -12.46 -52.83
CA ASN A 748 -1.43 -13.75 -53.04
C ASN A 748 0.09 -13.70 -52.95
N ASN A 749 0.67 -12.51 -52.78
CA ASN A 749 2.11 -12.38 -52.68
C ASN A 749 2.61 -13.08 -51.42
N GLU A 750 3.54 -14.02 -51.59
CA GLU A 750 4.00 -14.79 -50.42
C GLU A 750 4.82 -13.92 -49.48
N LYS A 751 5.49 -12.88 -49.99
CA LYS A 751 6.23 -12.00 -49.11
C LYS A 751 5.29 -11.19 -48.23
N ARG A 752 4.17 -10.73 -48.80
CA ARG A 752 3.16 -10.04 -48.00
C ARG A 752 2.59 -10.96 -46.93
N GLN A 753 2.28 -12.22 -47.29
CA GLN A 753 1.71 -13.14 -46.32
C GLN A 753 2.67 -13.41 -45.17
N ALA A 754 3.98 -13.40 -45.46
CA ALA A 754 4.97 -13.59 -44.40
C ALA A 754 5.03 -12.36 -43.48
N ILE A 755 4.89 -11.16 -44.05
CA ILE A 755 4.78 -9.97 -43.22
C ILE A 755 3.56 -10.08 -42.31
N GLN A 756 2.42 -10.50 -42.88
CA GLN A 756 1.21 -10.61 -42.07
C GLN A 756 1.40 -11.57 -40.89
N MET A 757 2.13 -12.67 -41.11
CA MET A 757 2.39 -13.60 -40.01
C MET A 757 3.23 -12.95 -38.93
N VAL A 758 4.20 -12.12 -39.32
CA VAL A 758 5.00 -11.40 -38.33
C VAL A 758 4.09 -10.46 -37.53
N LEU A 759 3.17 -9.78 -38.23
CA LEU A 759 2.27 -8.86 -37.56
C LEU A 759 1.35 -9.61 -36.60
N LEU A 760 0.93 -10.83 -37.00
CA LEU A 760 0.14 -11.70 -36.14
C LEU A 760 0.93 -12.14 -34.91
N ALA A 761 2.19 -12.57 -35.09
CA ALA A 761 3.01 -12.92 -33.93
C ALA A 761 3.23 -11.71 -33.02
N THR A 762 3.41 -10.53 -33.61
CA THR A 762 3.68 -9.32 -32.84
C THR A 762 2.46 -8.88 -32.03
N ALA A 763 1.27 -8.90 -32.65
CA ALA A 763 0.06 -8.58 -31.89
C ALA A 763 -0.19 -9.60 -30.79
N SER A 764 0.17 -10.87 -31.05
CA SER A 764 -0.01 -11.91 -30.06
C SER A 764 0.77 -11.62 -28.79
N LYS A 765 2.02 -11.19 -28.93
CA LYS A 765 2.84 -10.86 -27.77
C LYS A 765 2.34 -9.59 -27.07
N LEU A 766 1.94 -8.58 -27.86
CA LEU A 766 1.36 -7.39 -27.24
C LEU A 766 0.13 -7.74 -26.40
N CYS A 767 -0.71 -8.67 -26.89
CA CYS A 767 -1.90 -9.03 -26.14
C CYS A 767 -1.53 -9.72 -24.84
N TYR A 768 -0.59 -10.66 -24.90
CA TYR A 768 -0.19 -11.37 -23.69
C TYR A 768 0.40 -10.41 -22.66
N PHE A 769 1.34 -9.55 -23.08
CA PHE A 769 2.01 -8.74 -22.07
C PHE A 769 1.11 -7.65 -21.49
N LEU A 770 0.19 -7.11 -22.29
CA LEU A 770 -0.71 -6.07 -21.80
C LEU A 770 -1.98 -6.62 -21.13
N ALA A 771 -2.23 -7.92 -21.26
CA ALA A 771 -3.47 -8.49 -20.71
C ALA A 771 -3.65 -8.24 -19.20
N PRO A 772 -2.60 -8.27 -18.37
CA PRO A 772 -2.83 -7.97 -16.93
C PRO A 772 -3.23 -6.53 -16.66
N ILE A 773 -2.82 -5.59 -17.51
CA ILE A 773 -2.93 -4.16 -17.26
C ILE A 773 -4.15 -3.56 -17.94
N LEU A 774 -4.27 -3.78 -19.25
CA LEU A 774 -5.35 -3.29 -20.10
C LEU A 774 -6.29 -4.42 -20.49
N THR A 775 -6.89 -5.07 -19.50
CA THR A 775 -7.59 -6.31 -19.77
C THR A 775 -8.81 -6.06 -20.64
N HIS A 776 -9.57 -5.00 -20.36
CA HIS A 776 -10.72 -4.68 -21.19
C HIS A 776 -10.29 -4.48 -22.64
N THR A 777 -9.19 -3.75 -22.84
CA THR A 777 -8.77 -3.42 -24.20
C THR A 777 -8.28 -4.66 -24.95
N ILE A 778 -7.57 -5.56 -24.27
CA ILE A 778 -7.14 -6.79 -24.93
C ILE A 778 -8.33 -7.72 -25.19
N GLU A 779 -9.31 -7.75 -24.27
CA GLU A 779 -10.56 -8.42 -24.56
C GLU A 779 -11.19 -7.88 -25.84
N GLU A 780 -11.20 -6.55 -25.98
CA GLU A 780 -11.78 -5.93 -27.17
C GLU A 780 -10.99 -6.32 -28.41
N VAL A 781 -9.67 -6.34 -28.31
CA VAL A 781 -8.84 -6.74 -29.45
C VAL A 781 -9.24 -8.14 -29.95
N LEU A 782 -9.35 -9.10 -29.04
CA LEU A 782 -9.69 -10.46 -29.46
C LEU A 782 -11.10 -10.52 -30.04
N GLU A 783 -12.01 -9.72 -29.49
CA GLU A 783 -13.39 -9.67 -29.96
C GLU A 783 -13.47 -9.26 -31.43
N HIS A 784 -12.49 -8.48 -31.88
CA HIS A 784 -12.53 -7.90 -33.21
C HIS A 784 -11.61 -8.59 -34.20
N SER A 785 -10.89 -9.64 -33.81
CA SER A 785 -9.94 -10.29 -34.71
C SER A 785 -10.12 -11.80 -34.66
N GLN A 786 -10.79 -12.34 -35.70
CA GLN A 786 -10.94 -13.79 -35.80
C GLN A 786 -9.58 -14.46 -36.00
N ALA A 787 -8.70 -13.87 -36.81
CA ALA A 787 -7.37 -14.44 -37.02
C ALA A 787 -6.61 -14.62 -35.71
N LEU A 788 -6.60 -13.59 -34.85
CA LEU A 788 -5.94 -13.72 -33.56
C LEU A 788 -6.56 -14.84 -32.73
N ARG A 789 -7.90 -14.92 -32.71
CA ARG A 789 -8.54 -15.94 -31.88
C ARG A 789 -8.17 -17.34 -32.37
N ILE A 790 -8.10 -17.55 -33.68
CA ILE A 790 -7.68 -18.87 -34.18
C ILE A 790 -6.22 -19.12 -33.88
N PHE A 791 -5.36 -18.12 -34.17
CA PHE A 791 -3.91 -18.29 -34.01
C PHE A 791 -3.53 -18.56 -32.56
N LEU A 792 -4.20 -17.91 -31.61
CA LEU A 792 -3.93 -18.13 -30.20
C LEU A 792 -4.80 -19.20 -29.57
N GLN A 793 -5.67 -19.84 -30.35
CA GLN A 793 -6.65 -20.78 -29.82
C GLN A 793 -7.35 -20.19 -28.60
N ALA A 794 -7.88 -18.97 -28.78
CA ALA A 794 -8.44 -18.19 -27.70
C ALA A 794 -9.88 -17.79 -28.01
N LYS A 795 -10.82 -18.24 -27.16
CA LYS A 795 -12.17 -17.71 -27.23
C LYS A 795 -12.21 -16.24 -26.84
N ASP A 796 -11.38 -15.87 -25.86
CA ASP A 796 -11.42 -14.55 -25.24
C ASP A 796 -10.12 -14.36 -24.47
N VAL A 797 -10.05 -13.26 -23.72
CA VAL A 797 -8.79 -12.88 -23.08
C VAL A 797 -8.33 -13.95 -22.07
N PHE A 798 -9.26 -14.69 -21.50
CA PHE A 798 -8.91 -15.65 -20.46
C PHE A 798 -8.27 -16.93 -21.01
N ASP A 799 -8.27 -17.13 -22.34
CA ASP A 799 -7.60 -18.25 -22.96
C ASP A 799 -6.17 -17.92 -23.42
N LEU A 800 -5.69 -16.70 -23.16
CA LEU A 800 -4.35 -16.32 -23.58
C LEU A 800 -3.29 -17.12 -22.82
N LYS A 801 -2.23 -17.48 -23.55
CA LYS A 801 -1.05 -18.12 -23.00
C LYS A 801 0.17 -17.49 -23.65
N ASP A 802 1.32 -17.67 -23.00
CA ASP A 802 2.58 -17.23 -23.60
C ASP A 802 2.94 -18.22 -24.71
N ILE A 803 2.87 -17.79 -25.94
CA ILE A 803 3.06 -18.69 -27.08
C ILE A 803 4.52 -18.71 -27.49
N SER A 804 4.91 -19.81 -28.11
CA SER A 804 6.22 -19.94 -28.72
C SER A 804 6.10 -19.49 -30.16
N VAL A 805 6.60 -18.29 -30.45
CA VAL A 805 6.57 -17.78 -31.82
C VAL A 805 7.35 -18.70 -32.75
N SER A 806 8.49 -19.21 -32.29
CA SER A 806 9.28 -20.13 -33.10
C SER A 806 8.45 -21.34 -33.52
N GLU A 807 7.73 -21.94 -32.57
CA GLU A 807 6.94 -23.12 -32.91
C GLU A 807 5.77 -22.78 -33.82
N LYS A 808 5.08 -21.68 -33.53
CA LYS A 808 3.88 -21.35 -34.29
C LYS A 808 4.18 -20.81 -35.68
N LEU A 809 5.41 -20.36 -35.93
CA LEU A 809 5.81 -19.92 -37.26
C LEU A 809 6.75 -20.91 -37.95
N HIS A 810 7.14 -22.00 -37.28
CA HIS A 810 7.96 -23.07 -37.86
C HIS A 810 9.36 -22.59 -38.21
N LEU A 811 10.02 -21.93 -37.27
CA LEU A 811 11.37 -21.45 -37.50
C LEU A 811 12.40 -22.57 -37.27
N LYS A 812 13.48 -22.52 -38.05
CA LYS A 812 14.52 -23.53 -37.94
C LYS A 812 15.34 -23.32 -36.68
N GLU A 813 15.86 -24.42 -36.13
CA GLU A 813 16.37 -24.41 -34.75
C GLU A 813 17.66 -23.60 -34.64
N PHE A 814 18.60 -23.78 -35.56
CA PHE A 814 19.91 -23.14 -35.45
C PHE A 814 20.10 -22.00 -36.44
N LYS A 815 19.01 -21.32 -36.79
CA LYS A 815 19.10 -20.17 -37.68
C LYS A 815 19.96 -19.09 -37.04
N LYS A 816 21.03 -18.71 -37.71
CA LYS A 816 21.91 -17.67 -37.20
C LYS A 816 21.18 -16.33 -37.21
N PRO A 817 21.19 -15.59 -36.09
CA PRO A 817 20.45 -14.33 -36.02
C PRO A 817 20.94 -13.33 -37.05
N GLU A 818 20.03 -12.41 -37.40
CA GLU A 818 20.41 -11.30 -38.25
C GLU A 818 21.29 -10.33 -37.49
N ASN A 819 22.16 -9.63 -38.22
CA ASN A 819 22.98 -8.56 -37.67
C ASN A 819 22.76 -7.32 -38.53
N PHE A 820 21.89 -6.43 -38.04
CA PHE A 820 21.49 -5.25 -38.79
C PHE A 820 22.23 -3.99 -38.39
N GLU A 821 23.33 -4.12 -37.63
CA GLU A 821 24.01 -2.92 -37.13
C GLU A 821 24.52 -2.04 -38.27
N ALA A 822 25.11 -2.64 -39.29
CA ALA A 822 25.67 -1.84 -40.38
C ALA A 822 24.57 -1.18 -41.20
N VAL A 823 23.50 -1.92 -41.51
CA VAL A 823 22.48 -1.36 -42.38
C VAL A 823 21.64 -0.33 -41.65
N LEU A 824 21.49 -0.47 -40.32
CA LEU A 824 20.76 0.52 -39.52
C LEU A 824 21.59 1.78 -39.28
N ALA A 825 22.92 1.65 -39.26
CA ALA A 825 23.78 2.83 -39.23
C ALA A 825 23.69 3.62 -40.52
N LEU A 826 23.65 2.91 -41.66
CA LEU A 826 23.42 3.56 -42.94
C LEU A 826 22.07 4.27 -42.97
N ARG A 827 21.03 3.59 -42.50
CA ARG A 827 19.69 4.17 -42.50
C ARG A 827 19.66 5.49 -41.72
N SER A 828 20.29 5.51 -40.54
CA SER A 828 20.28 6.72 -39.73
C SER A 828 21.09 7.83 -40.39
N ALA A 829 22.23 7.51 -40.99
CA ALA A 829 23.00 8.50 -41.71
C ALA A 829 22.22 9.02 -42.91
N PHE A 830 21.55 8.14 -43.65
CA PHE A 830 20.75 8.58 -44.78
C PHE A 830 19.64 9.52 -44.34
N ASN A 831 18.94 9.16 -43.26
CA ASN A 831 17.81 9.97 -42.82
C ASN A 831 18.25 11.34 -42.31
N GLU A 832 19.45 11.46 -41.75
CA GLU A 832 19.93 12.77 -41.36
C GLU A 832 20.44 13.56 -42.55
N GLU A 833 20.99 12.90 -43.57
CA GLU A 833 21.31 13.60 -44.81
C GLU A 833 20.03 14.00 -45.53
N LEU A 834 19.00 13.16 -45.46
CA LEU A 834 17.74 13.46 -46.12
C LEU A 834 17.01 14.60 -45.42
N ASP A 835 17.01 14.58 -44.08
CA ASP A 835 16.51 15.72 -43.32
C ASP A 835 17.15 17.02 -43.78
N ARG A 836 18.45 16.97 -44.10
CA ARG A 836 19.18 18.16 -44.52
C ARG A 836 18.71 18.64 -45.90
N LEU A 837 18.39 17.71 -46.79
CA LEU A 837 17.94 18.09 -48.13
C LEU A 837 16.50 18.57 -48.12
N LYS A 838 15.68 18.09 -47.19
CA LYS A 838 14.33 18.63 -47.06
C LYS A 838 14.35 20.06 -46.54
N LYS A 839 15.35 20.42 -45.74
CA LYS A 839 15.51 21.79 -45.31
C LYS A 839 15.70 22.72 -46.50
N GLU A 840 16.61 22.36 -47.41
CA GLU A 840 16.93 23.17 -48.57
C GLU A 840 15.84 23.13 -49.64
N GLY A 841 14.78 22.35 -49.44
CA GLY A 841 13.76 22.21 -50.47
C GLY A 841 14.20 21.43 -51.70
N VAL A 842 15.24 20.60 -51.58
CA VAL A 842 15.76 19.87 -52.73
C VAL A 842 14.84 18.71 -53.09
N ILE A 843 14.33 18.00 -52.08
CA ILE A 843 13.43 16.87 -52.29
C ILE A 843 12.44 16.82 -51.13
N LYS A 844 11.34 16.08 -51.33
CA LYS A 844 10.25 15.98 -50.39
C LYS A 844 10.31 14.73 -49.52
N ASN A 845 10.76 13.59 -50.08
CA ASN A 845 10.83 12.37 -49.31
C ASN A 845 11.88 11.43 -49.90
N SER A 846 12.09 10.32 -49.18
CA SER A 846 13.13 9.37 -49.54
C SER A 846 12.85 8.71 -50.88
N LEU A 847 11.58 8.50 -51.20
CA LEU A 847 11.22 7.78 -52.42
C LEU A 847 11.72 8.51 -53.67
N GLU A 848 11.90 9.82 -53.60
CA GLU A 848 12.41 10.54 -54.75
C GLU A 848 13.90 10.31 -54.97
N CYS A 849 14.58 9.58 -54.09
CA CYS A 849 16.02 9.46 -54.12
C CYS A 849 16.47 8.11 -54.69
N ALA A 850 17.64 8.15 -55.32
CA ALA A 850 18.45 6.96 -55.55
C ALA A 850 19.69 7.06 -54.68
N ILE A 851 20.14 5.93 -54.14
CA ILE A 851 21.34 5.91 -53.32
C ILE A 851 22.32 4.91 -53.93
N GLU A 852 23.59 5.32 -54.02
CA GLU A 852 24.69 4.44 -54.41
C GLU A 852 25.56 4.26 -53.18
N VAL A 853 25.51 3.07 -52.60
CA VAL A 853 26.20 2.81 -51.34
C VAL A 853 27.66 2.49 -51.62
N LYS A 854 28.56 3.21 -50.95
CA LYS A 854 29.98 2.99 -51.12
C LYS A 854 30.44 1.67 -50.53
N GLU A 855 29.69 1.09 -49.60
CA GLU A 855 29.98 -0.24 -49.07
C GLU A 855 29.19 -1.28 -49.86
N LYS A 856 29.90 -2.20 -50.51
CA LYS A 856 29.25 -3.15 -51.40
C LYS A 856 28.79 -4.42 -50.69
N ALA A 857 29.18 -4.63 -49.44
CA ALA A 857 28.79 -5.83 -48.72
C ALA A 857 27.31 -5.83 -48.31
N LEU A 858 26.63 -4.69 -48.37
CA LEU A 858 25.26 -4.60 -47.90
C LEU A 858 24.28 -5.15 -48.92
N ASP A 859 23.25 -5.84 -48.43
CA ASP A 859 22.20 -6.36 -49.28
C ASP A 859 21.42 -5.20 -49.89
N GLU A 860 21.37 -5.14 -51.23
CA GLU A 860 20.79 -3.97 -51.88
C GLU A 860 19.28 -3.89 -51.73
N ASN A 861 18.56 -5.03 -51.65
CA ASN A 861 17.11 -4.92 -51.46
C ASN A 861 16.80 -4.44 -50.04
N LEU A 862 17.57 -4.90 -49.06
CA LEU A 862 17.35 -4.49 -47.69
C LEU A 862 17.65 -3.00 -47.51
N VAL A 863 18.72 -2.51 -48.13
CA VAL A 863 18.98 -1.07 -48.14
C VAL A 863 17.77 -0.33 -48.70
N GLU A 864 17.28 -0.77 -49.86
CA GLU A 864 16.12 -0.13 -50.46
C GLU A 864 14.90 -0.20 -49.55
N GLU A 865 14.71 -1.34 -48.88
CA GLU A 865 13.57 -1.52 -47.98
C GLU A 865 13.63 -0.58 -46.79
N LEU A 866 14.78 -0.55 -46.12
CA LEU A 866 14.90 0.15 -44.84
C LEU A 866 14.96 1.66 -45.03
N LEU A 867 15.62 2.13 -46.09
CA LEU A 867 15.75 3.55 -46.35
C LEU A 867 14.59 4.11 -47.15
N MET A 868 13.82 3.22 -47.80
CA MET A 868 12.65 3.59 -48.61
C MET A 868 13.00 4.61 -49.69
N VAL A 869 14.07 4.29 -50.38
CA VAL A 869 14.44 4.95 -51.62
C VAL A 869 13.78 4.17 -52.76
N SER A 870 13.70 4.79 -53.93
CA SER A 870 13.07 4.07 -55.03
C SER A 870 14.08 3.31 -55.88
N PHE A 871 15.37 3.47 -55.63
CA PHE A 871 16.40 2.88 -56.48
C PHE A 871 17.72 2.85 -55.73
N VAL A 872 18.39 1.71 -55.76
CA VAL A 872 19.74 1.55 -55.21
C VAL A 872 20.71 1.41 -56.38
N GLY A 873 21.67 2.30 -56.46
CA GLY A 873 22.62 2.33 -57.54
C GLY A 873 22.87 3.76 -57.99
N ILE A 874 23.54 3.88 -59.13
CA ILE A 874 23.97 5.17 -59.65
C ILE A 874 22.88 5.76 -60.53
N ALA A 875 22.79 7.08 -60.55
CA ALA A 875 21.86 7.77 -61.44
C ALA A 875 22.58 9.01 -61.98
N LYS A 876 21.82 9.99 -62.46
CA LYS A 876 22.42 11.09 -63.20
C LYS A 876 22.46 12.41 -62.46
N GLU A 877 21.37 12.86 -61.83
CA GLU A 877 21.38 14.14 -61.14
C GLU A 877 21.83 13.94 -59.70
N LYS A 878 23.07 14.32 -59.41
CA LYS A 878 23.62 14.18 -58.07
C LYS A 878 23.00 15.20 -57.14
N LEU A 879 22.55 14.76 -55.96
CA LEU A 879 21.97 15.65 -54.96
C LEU A 879 22.94 15.97 -53.83
N SER A 880 23.62 14.96 -53.30
CA SER A 880 24.58 15.14 -52.23
C SER A 880 25.49 13.92 -52.20
N GLU A 881 26.60 14.07 -51.48
CA GLU A 881 27.52 12.95 -51.31
C GLU A 881 28.09 12.95 -49.89
N THR A 882 28.18 11.75 -49.32
CA THR A 882 28.81 11.50 -48.04
C THR A 882 29.93 10.49 -48.27
N PRO A 883 30.79 10.25 -47.28
CA PRO A 883 31.78 9.16 -47.43
C PRO A 883 31.16 7.78 -47.62
N ALA A 884 29.89 7.61 -47.22
CA ALA A 884 29.25 6.30 -47.27
C ALA A 884 28.39 6.09 -48.51
N PHE A 885 27.92 7.17 -49.13
CA PHE A 885 26.90 7.01 -50.15
C PHE A 885 26.76 8.33 -50.89
N THR A 886 26.28 8.23 -52.13
CA THR A 886 25.89 9.37 -52.93
C THR A 886 24.39 9.28 -53.19
N LEU A 887 23.70 10.41 -53.12
CA LEU A 887 22.28 10.49 -53.38
C LEU A 887 22.03 11.17 -54.73
N PHE A 888 21.07 10.62 -55.47
CA PHE A 888 20.68 11.15 -56.76
C PHE A 888 19.17 11.31 -56.80
N LYS A 889 18.71 12.09 -57.76
CA LYS A 889 17.32 12.06 -58.18
C LYS A 889 17.02 10.71 -58.83
N ALA A 890 15.98 10.04 -58.38
CA ALA A 890 15.62 8.76 -58.97
C ALA A 890 15.25 8.97 -60.43
N PRO A 891 15.78 8.17 -61.36
CA PRO A 891 15.53 8.36 -62.80
C PRO A 891 14.28 7.61 -63.27
N PHE A 892 13.16 7.87 -62.60
CA PHE A 892 11.87 7.28 -62.91
C PHE A 892 10.80 8.32 -62.60
N TYR A 893 9.60 8.05 -63.11
CA TYR A 893 8.41 8.78 -62.74
C TYR A 893 7.76 8.17 -61.50
N LYS A 894 7.01 9.02 -60.80
CA LYS A 894 6.21 8.53 -59.67
C LYS A 894 5.06 7.68 -60.18
N CYS A 895 4.94 6.47 -59.64
CA CYS A 895 3.84 5.62 -60.03
C CYS A 895 2.54 6.19 -59.47
N PRO A 896 1.50 6.30 -60.29
CA PRO A 896 0.23 6.84 -59.79
C PRO A 896 -0.48 5.91 -58.80
N ARG A 897 -0.10 4.63 -58.72
CA ARG A 897 -0.76 3.72 -57.78
C ARG A 897 -0.03 3.63 -56.44
N CYS A 898 1.27 3.37 -56.46
CA CYS A 898 2.00 3.19 -55.21
C CYS A 898 2.83 4.39 -54.81
N TRP A 899 2.91 5.42 -55.64
CA TRP A 899 3.65 6.66 -55.37
C TRP A 899 5.14 6.43 -55.23
N ARG A 900 5.64 5.25 -55.59
CA ARG A 900 7.07 5.06 -55.66
C ARG A 900 7.58 5.55 -57.01
N PHE A 901 8.84 5.98 -57.02
CA PHE A 901 9.46 6.47 -58.26
C PHE A 901 10.10 5.28 -58.97
N LYS A 902 9.22 4.47 -59.61
CA LYS A 902 9.64 3.25 -60.28
C LYS A 902 9.01 3.09 -61.67
N SER A 903 8.29 4.09 -62.16
CA SER A 903 7.58 4.03 -63.44
C SER A 903 8.44 4.64 -64.54
N GLU A 904 8.56 3.91 -65.65
CA GLU A 904 9.30 4.39 -66.80
C GLU A 904 8.56 5.46 -67.58
N LEU A 905 7.24 5.56 -67.42
CA LEU A 905 6.41 6.47 -68.19
C LEU A 905 5.56 7.29 -67.23
N GLU A 906 5.31 8.54 -67.63
CA GLU A 906 4.54 9.44 -66.78
C GLU A 906 3.13 8.91 -66.59
N ASN A 907 2.62 9.04 -65.35
CA ASN A 907 1.25 8.70 -64.99
C ASN A 907 0.87 7.29 -65.46
N THR A 908 1.83 6.38 -65.37
CA THR A 908 1.63 5.00 -65.79
C THR A 908 2.02 4.08 -64.65
N PRO A 909 1.17 3.12 -64.28
CA PRO A 909 1.51 2.17 -63.22
C PRO A 909 2.85 1.50 -63.47
N CYS A 910 3.64 1.42 -62.40
CA CYS A 910 4.92 0.72 -62.42
C CYS A 910 4.68 -0.78 -62.68
N LYS A 911 5.79 -1.48 -62.92
CA LYS A 911 5.68 -2.86 -63.37
C LYS A 911 4.99 -3.75 -62.33
N ARG A 912 5.35 -3.61 -61.06
CA ARG A 912 4.64 -4.38 -60.03
C ARG A 912 3.16 -4.06 -60.02
N CYS A 913 2.82 -2.76 -60.06
CA CYS A 913 1.42 -2.38 -60.00
C CYS A 913 0.65 -2.85 -61.22
N GLU A 914 1.30 -2.80 -62.39
CA GLU A 914 0.64 -3.25 -63.60
C GLU A 914 0.17 -4.69 -63.46
N GLN A 915 1.03 -5.56 -62.90
CA GLN A 915 0.67 -6.96 -62.71
C GLN A 915 -0.47 -7.12 -61.72
N VAL A 916 -0.43 -6.38 -60.61
CA VAL A 916 -1.48 -6.50 -59.61
C VAL A 916 -2.82 -6.07 -60.19
N LEU A 917 -2.80 -5.01 -61.00
CA LEU A 917 -4.04 -4.51 -61.59
C LEU A 917 -4.60 -5.47 -62.64
N LYS A 918 -3.73 -6.28 -63.26
CA LYS A 918 -4.13 -7.24 -64.28
C LYS A 918 -4.60 -8.58 -63.72
N GLU A 919 -4.43 -8.83 -62.43
CA GLU A 919 -4.45 -10.20 -61.93
C GLU A 919 -5.86 -10.78 -62.02
N ARG A 920 -5.92 -12.04 -62.47
CA ARG A 920 -7.19 -12.74 -62.60
C ARG A 920 -7.42 -13.63 -61.38
#